data_1KC7
#
_entry.id   1KC7
#
_cell.length_a   89.21
_cell.length_b   58.42
_cell.length_c   102.55
_cell.angle_alpha   90.0
_cell.angle_beta   94.99
_cell.angle_gamma   90.0
#
_symmetry.space_group_name_H-M   'P 1 2 1'
#
loop_
_entity.id
_entity.type
_entity.pdbx_description
1 polymer 'pyruvate phosphate dikinase'
2 non-polymer 'MAGNESIUM ION'
3 non-polymer 'SULFATE ION'
4 non-polymer PHOSPHONOPYRUVATE
#
_entity_poly.entity_id   1
_entity_poly.type   'polypeptide(L)'
_entity_poly.pdbx_seq_one_letter_code
;AKWVYKFEEGNASMRNLLGGKGCNLAEMTILGMPIPQGFTVTTEACTEYYNSGKQITQEIQDQIFEAITWLEELNGKKFG
DTEDPLLVSVRSGARASMPGMMDTILNLGLNDVAVEGFAKKTGNPRFAYDSYRRFIQMYSDVVMEVPKSHFEKIIDAMKE
EKGVHFDTDLTADDLKELAEKFKAVYKEAMNGEEFPQEPKDQLMGAVKAVFRSWDNPRAIVYRRMNDIPGDWGTAVNVQT
MVFGNKGETSGTGVAFTRNPSTGEKGIYGEYLINAQGEDVVAGVRTPQPITQLENDMPDCYKQFMDLAMKLEKHFRDMQD
MEFTIEEGKLYFLQTRNGKRTAPAALQIACDLVDEGMITEEEAVVRIEAKSLDQLLHPTFNPAALKAGEVIGSALPASPG
AAAGKVYFTADEAKAAHEKGERVILVRLETSPEDIEGMHAAEGILTVRGGMTSHAAVVARGMGTCCVSGCGEIKINEEAK
TFELGGHTFAEGDYISLDGSTGKIYKGDIETQEASVSGSFERIMVWADKFRTLKVRTNADTPEDTLNAVKLGAEGIGLCR
TEHMFFEADRIMKIRKMILSDSVEAREEALNELIPFQKGDFKAMYKALEGRPMTVRYLDPPLHEFVPHTEEEQAELAKNM
GLTLAEVKAKVDELHEFNPMMGHRGCRLAVTYPEIAKMQTRAVMEAAIEVKEETGIDIVPEIMIPLVGEKKELKFVKDVV
VEVAEQVKKEKGSDMQYHIGTMIEIPRAALTADAIAEEAEFFSFGTNDLTQMTFGFSRDDAGKFLDSYYKAKIYESDPFA
RLDQTGVGQLVEMAVKKGRQTRPGLKCGICGEHGGDPSSVEFCHKVGLNYVSCSPFRVPIARLAAAQAALNNK
;
_entity_poly.pdbx_strand_id   A
#
loop_
_chem_comp.id
_chem_comp.type
_chem_comp.name
_chem_comp.formula
MG non-polymer 'MAGNESIUM ION' 'Mg 2'
PPR non-polymer PHOSPHONOPYRUVATE 'C3 H5 O6 P'
SO4 non-polymer 'SULFATE ION' 'O4 S -2'
#
# COMPACT_ATOMS: atom_id res chain seq x y z
N ALA A 1 32.68 -8.06 14.20
CA ALA A 1 32.29 -8.36 15.60
C ALA A 1 31.10 -7.51 16.05
N LYS A 2 30.46 -7.95 17.13
CA LYS A 2 29.26 -7.37 17.74
C LYS A 2 28.01 -7.50 16.87
N TRP A 3 27.58 -8.76 16.75
CA TRP A 3 26.42 -9.21 15.99
C TRP A 3 25.20 -9.47 16.89
N VAL A 4 25.37 -9.35 18.21
CA VAL A 4 24.27 -9.62 19.11
C VAL A 4 24.22 -8.59 20.22
N TYR A 5 23.02 -8.16 20.58
CA TYR A 5 22.82 -7.18 21.63
C TYR A 5 21.80 -7.64 22.63
N LYS A 6 22.06 -7.40 23.91
CA LYS A 6 21.13 -7.78 24.95
C LYS A 6 20.10 -6.69 24.89
N PHE A 7 18.91 -6.97 25.40
CA PHE A 7 17.85 -5.97 25.41
C PHE A 7 18.30 -4.74 26.14
N GLU A 8 19.03 -4.92 27.23
CA GLU A 8 19.48 -3.77 28.02
C GLU A 8 20.46 -2.87 27.26
N GLU A 9 21.21 -3.45 26.30
CA GLU A 9 22.21 -2.75 25.49
C GLU A 9 21.68 -1.84 24.38
N GLY A 10 20.38 -1.86 24.13
CA GLY A 10 19.85 -1.01 23.07
C GLY A 10 18.69 -0.11 23.47
N ASN A 11 18.15 0.60 22.49
CA ASN A 11 17.00 1.48 22.72
C ASN A 11 16.25 1.70 21.40
N ALA A 12 15.16 2.47 21.47
CA ALA A 12 14.34 2.78 20.32
C ALA A 12 15.05 3.52 19.19
N SER A 13 16.26 3.98 19.46
CA SER A 13 17.05 4.70 18.47
C SER A 13 17.79 3.74 17.56
N MET A 14 18.19 2.60 18.11
CA MET A 14 18.94 1.60 17.38
C MET A 14 18.11 0.67 16.49
N ARG A 15 16.93 1.18 16.10
CA ARG A 15 15.99 0.46 15.25
C ARG A 15 16.51 -0.18 13.97
N ASN A 16 17.40 0.52 13.28
CA ASN A 16 17.96 0.00 12.02
C ASN A 16 18.83 -1.22 12.30
N LEU A 17 19.43 -1.25 13.47
CA LEU A 17 20.29 -2.35 13.86
C LEU A 17 19.46 -3.45 14.57
N LEU A 18 18.55 -3.04 15.44
CA LEU A 18 17.74 -4.01 16.16
C LEU A 18 16.46 -4.43 15.44
N GLY A 19 15.88 -3.52 14.66
CA GLY A 19 14.64 -3.82 13.96
C GLY A 19 13.58 -3.22 14.87
N GLY A 20 12.34 -3.10 14.40
CA GLY A 20 11.28 -2.53 15.23
C GLY A 20 11.08 -3.28 16.52
N LYS A 21 10.78 -4.57 16.43
CA LYS A 21 10.57 -5.38 17.63
C LYS A 21 11.74 -5.36 18.55
N GLY A 22 12.94 -5.56 18.02
CA GLY A 22 14.12 -5.58 18.86
C GLY A 22 14.33 -4.28 19.60
N CYS A 23 14.23 -3.16 18.88
CA CYS A 23 14.44 -1.86 19.50
C CYS A 23 13.31 -1.63 20.49
N ASN A 24 12.11 -2.13 20.21
CA ASN A 24 11.03 -1.91 21.18
C ASN A 24 11.12 -2.76 22.46
N LEU A 25 11.75 -3.92 22.36
CA LEU A 25 11.91 -4.76 23.54
C LEU A 25 12.95 -4.09 24.40
N ALA A 26 13.94 -3.51 23.74
CA ALA A 26 15.03 -2.81 24.42
C ALA A 26 14.46 -1.61 25.14
N GLU A 27 13.65 -0.85 24.43
CA GLU A 27 13.05 0.34 24.99
C GLU A 27 12.17 0.03 26.20
N MET A 28 11.35 -1.01 26.09
CA MET A 28 10.48 -1.34 27.22
C MET A 28 11.32 -1.79 28.40
N THR A 29 12.40 -2.52 28.10
CA THR A 29 13.29 -3.02 29.11
C THR A 29 13.88 -1.83 29.86
N ILE A 30 14.32 -0.84 29.10
CA ILE A 30 14.91 0.39 29.61
C ILE A 30 13.95 1.10 30.56
N LEU A 31 12.64 0.98 30.29
CA LEU A 31 11.59 1.61 31.13
C LEU A 31 11.27 0.78 32.35
N GLY A 32 11.95 -0.37 32.48
CA GLY A 32 11.72 -1.25 33.62
C GLY A 32 10.41 -2.01 33.63
N MET A 33 9.94 -2.39 32.44
CA MET A 33 8.68 -3.13 32.32
C MET A 33 8.93 -4.61 32.47
N PRO A 34 7.88 -5.35 32.86
CA PRO A 34 7.99 -6.79 33.04
C PRO A 34 8.12 -7.44 31.69
N ILE A 35 9.29 -7.21 31.09
CA ILE A 35 9.72 -7.73 29.79
C ILE A 35 10.69 -8.90 30.00
N PRO A 36 10.31 -10.11 29.59
CA PRO A 36 11.23 -11.22 29.78
C PRO A 36 12.51 -10.86 29.04
N GLN A 37 13.64 -11.31 29.57
CA GLN A 37 14.95 -11.00 29.00
C GLN A 37 15.35 -11.77 27.78
N GLY A 38 16.18 -11.12 26.98
CA GLY A 38 16.63 -11.75 25.76
C GLY A 38 17.61 -10.89 25.05
N PHE A 39 17.93 -11.31 23.84
CA PHE A 39 18.88 -10.63 23.01
C PHE A 39 18.43 -10.62 21.58
N THR A 40 19.04 -9.74 20.81
CA THR A 40 18.72 -9.52 19.43
C THR A 40 19.94 -9.76 18.54
N VAL A 41 19.74 -10.56 17.49
CA VAL A 41 20.79 -10.80 16.51
C VAL A 41 20.41 -9.72 15.47
N THR A 42 21.32 -8.78 15.27
CA THR A 42 21.06 -7.60 14.41
C THR A 42 20.79 -7.79 12.93
N THR A 43 20.22 -6.74 12.32
CA THR A 43 19.94 -6.73 10.91
C THR A 43 21.28 -6.83 10.14
N GLU A 44 22.35 -6.32 10.74
CA GLU A 44 23.69 -6.39 10.10
C GLU A 44 24.17 -7.84 9.96
N ALA A 45 23.82 -8.69 10.91
CA ALA A 45 24.21 -10.10 10.86
C ALA A 45 23.42 -10.78 9.74
N CYS A 46 22.30 -10.17 9.34
CA CYS A 46 21.46 -10.71 8.25
C CYS A 46 22.17 -10.45 6.91
N THR A 47 22.67 -9.23 6.77
CA THR A 47 23.39 -8.83 5.58
C THR A 47 24.63 -9.73 5.54
N GLU A 48 25.29 -9.84 6.69
CA GLU A 48 26.47 -10.69 6.80
C GLU A 48 26.13 -12.13 6.38
N TYR A 49 24.96 -12.62 6.81
CA TYR A 49 24.53 -13.97 6.41
C TYR A 49 24.40 -14.03 4.88
N TYR A 50 23.94 -12.94 4.27
CA TYR A 50 23.81 -12.88 2.83
C TYR A 50 25.16 -12.72 2.11
N ASN A 51 26.09 -11.98 2.70
CA ASN A 51 27.43 -11.81 2.11
C ASN A 51 28.33 -13.02 2.36
N SER A 52 27.83 -14.05 3.02
CA SER A 52 28.66 -15.22 3.27
C SER A 52 28.07 -16.45 2.58
N GLY A 53 27.41 -16.22 1.46
CA GLY A 53 26.81 -17.31 0.73
C GLY A 53 25.61 -17.90 1.43
N LYS A 54 24.80 -17.08 2.09
CA LYS A 54 23.61 -17.52 2.85
C LYS A 54 23.98 -18.57 3.90
N GLN A 55 24.93 -18.23 4.76
CA GLN A 55 25.38 -19.13 5.82
C GLN A 55 25.68 -18.28 7.03
N ILE A 56 25.50 -18.86 8.21
CA ILE A 56 25.79 -18.13 9.44
C ILE A 56 27.28 -18.20 9.57
N THR A 57 27.93 -17.06 9.72
CA THR A 57 29.37 -17.09 9.89
C THR A 57 29.66 -17.66 11.25
N GLN A 58 30.87 -18.13 11.39
CA GLN A 58 31.38 -18.76 12.60
C GLN A 58 31.25 -17.81 13.79
N GLU A 59 31.58 -16.55 13.56
CA GLU A 59 31.55 -15.56 14.62
C GLU A 59 30.15 -15.22 15.12
N ILE A 60 29.17 -15.24 14.24
CA ILE A 60 27.83 -14.91 14.66
C ILE A 60 27.34 -16.06 15.53
N GLN A 61 27.54 -17.29 15.08
CA GLN A 61 27.11 -18.41 15.91
C GLN A 61 27.78 -18.32 17.29
N ASP A 62 29.08 -18.03 17.34
CA ASP A 62 29.75 -17.92 18.64
C ASP A 62 29.01 -16.92 19.50
N GLN A 63 28.68 -15.77 18.93
CA GLN A 63 27.98 -14.76 19.67
C GLN A 63 26.54 -15.08 20.05
N ILE A 64 25.85 -15.89 19.23
CA ILE A 64 24.48 -16.27 19.55
C ILE A 64 24.58 -17.12 20.82
N PHE A 65 25.38 -18.19 20.74
CA PHE A 65 25.59 -19.11 21.86
C PHE A 65 26.12 -18.40 23.08
N GLU A 66 26.89 -17.37 22.84
CA GLU A 66 27.44 -16.62 23.94
C GLU A 66 26.32 -15.90 24.69
N ALA A 67 25.40 -15.28 23.95
CA ALA A 67 24.27 -14.57 24.56
C ALA A 67 23.38 -15.58 25.29
N ILE A 68 23.22 -16.76 24.68
CA ILE A 68 22.42 -17.80 25.31
C ILE A 68 23.01 -18.16 26.67
N THR A 69 24.33 -18.03 26.83
CA THR A 69 24.96 -18.33 28.12
C THR A 69 24.57 -17.24 29.08
N TRP A 70 24.57 -16.03 28.59
CA TRP A 70 24.15 -14.93 29.41
C TRP A 70 22.73 -15.17 29.94
N LEU A 71 21.83 -15.71 29.09
CA LEU A 71 20.46 -15.97 29.53
C LEU A 71 20.44 -17.07 30.57
N GLU A 72 21.09 -18.19 30.27
CA GLU A 72 21.15 -19.34 31.19
C GLU A 72 21.49 -18.92 32.61
N GLU A 73 22.50 -18.06 32.73
CA GLU A 73 22.96 -17.55 34.02
C GLU A 73 21.91 -16.66 34.66
N LEU A 74 21.40 -15.68 33.92
CA LEU A 74 20.36 -14.79 34.42
C LEU A 74 19.26 -15.64 35.02
N ASN A 75 18.82 -16.63 34.25
CA ASN A 75 17.74 -17.53 34.64
C ASN A 75 18.03 -18.70 35.56
N GLY A 76 19.29 -19.09 35.68
CA GLY A 76 19.62 -20.24 36.52
C GLY A 76 19.12 -21.53 35.87
N LYS A 77 18.95 -21.49 34.56
CA LYS A 77 18.48 -22.65 33.83
C LYS A 77 19.28 -22.85 32.55
N LYS A 78 19.66 -24.09 32.25
CA LYS A 78 20.41 -24.40 31.03
C LYS A 78 19.46 -24.50 29.82
N PHE A 79 19.81 -23.78 28.77
CA PHE A 79 19.06 -23.76 27.52
C PHE A 79 18.77 -25.15 26.98
N GLY A 80 17.52 -25.60 27.16
CA GLY A 80 17.09 -26.91 26.69
C GLY A 80 17.53 -28.10 27.52
N ASP A 81 18.17 -27.80 28.65
CA ASP A 81 18.65 -28.81 29.59
C ASP A 81 17.62 -29.93 29.85
N THR A 82 18.09 -31.16 29.92
CA THR A 82 17.24 -32.30 30.15
C THR A 82 16.48 -32.29 31.49
N GLU A 83 16.99 -31.51 32.45
CA GLU A 83 16.37 -31.46 33.77
C GLU A 83 15.44 -30.28 34.04
N ASP A 84 15.99 -29.07 34.03
CA ASP A 84 15.23 -27.83 34.28
C ASP A 84 15.58 -26.93 33.09
N PRO A 85 14.98 -27.24 31.93
CA PRO A 85 15.25 -26.48 30.72
C PRO A 85 14.78 -25.04 30.64
N LEU A 86 15.65 -24.23 30.03
CA LEU A 86 15.39 -22.82 29.75
C LEU A 86 14.78 -22.92 28.35
N LEU A 87 13.65 -22.28 28.14
CA LEU A 87 13.07 -22.32 26.81
C LEU A 87 12.99 -20.85 26.40
N VAL A 88 13.08 -20.62 25.09
CA VAL A 88 13.06 -19.28 24.57
C VAL A 88 12.10 -19.18 23.36
N SER A 89 11.76 -17.95 22.99
CA SER A 89 10.97 -17.73 21.78
C SER A 89 11.97 -17.09 20.81
N VAL A 90 11.71 -17.32 19.52
CA VAL A 90 12.50 -16.73 18.46
C VAL A 90 11.55 -15.98 17.55
N ARG A 91 11.73 -14.68 17.51
CA ARG A 91 10.87 -13.79 16.74
C ARG A 91 11.61 -12.81 15.80
N SER A 92 11.35 -12.93 14.51
CA SER A 92 11.98 -12.05 13.50
C SER A 92 11.30 -10.70 13.41
N GLY A 93 12.11 -9.65 13.22
CA GLY A 93 11.60 -8.29 13.08
C GLY A 93 12.60 -7.39 12.39
N ALA A 94 12.15 -6.69 11.35
CA ALA A 94 12.99 -5.74 10.56
C ALA A 94 12.73 -4.34 11.01
N ARG A 95 13.52 -3.41 10.48
CA ARG A 95 13.43 -1.98 10.78
C ARG A 95 12.02 -1.44 10.58
N ALA A 96 11.35 -1.92 9.53
CA ALA A 96 9.99 -1.53 9.20
C ALA A 96 9.09 -2.65 9.70
N SER A 97 7.93 -2.31 10.27
CA SER A 97 7.02 -3.28 10.83
C SER A 97 6.27 -3.92 9.64
N MET A 98 6.08 -5.24 9.68
CA MET A 98 5.39 -6.00 8.63
C MET A 98 4.42 -6.93 9.35
N PRO A 99 3.35 -6.36 9.93
CA PRO A 99 2.37 -7.13 10.68
C PRO A 99 1.75 -8.22 9.79
N GLY A 100 1.85 -9.47 10.23
CA GLY A 100 1.29 -10.62 9.57
C GLY A 100 2.28 -11.30 8.65
N MET A 101 3.45 -10.72 8.50
CA MET A 101 4.44 -11.30 7.61
C MET A 101 5.68 -11.89 8.30
N MET A 102 5.83 -11.68 9.59
CA MET A 102 7.01 -12.15 10.27
C MET A 102 6.84 -13.49 10.96
N ASP A 103 7.93 -13.94 11.59
CA ASP A 103 7.92 -15.23 12.23
C ASP A 103 8.04 -15.31 13.72
N THR A 104 7.33 -16.29 14.27
CA THR A 104 7.37 -16.54 15.71
C THR A 104 7.42 -18.05 16.03
N ILE A 105 8.38 -18.46 16.85
CA ILE A 105 8.54 -19.89 17.25
C ILE A 105 8.55 -19.78 18.73
N LEU A 106 7.60 -20.42 19.42
CA LEU A 106 7.59 -20.39 20.87
C LEU A 106 8.11 -21.73 21.41
N ASN A 107 8.57 -21.71 22.66
CA ASN A 107 9.03 -22.92 23.37
C ASN A 107 10.20 -23.60 22.77
N LEU A 108 11.09 -22.85 22.14
CA LEU A 108 12.21 -23.50 21.50
C LEU A 108 13.24 -23.99 22.58
N GLY A 109 13.67 -25.24 22.46
CA GLY A 109 14.61 -25.78 23.44
C GLY A 109 14.13 -27.13 23.92
N LEU A 110 12.84 -27.38 23.73
CA LEU A 110 12.21 -28.63 24.12
C LEU A 110 12.69 -29.74 23.22
N ASN A 111 12.76 -30.95 23.78
CA ASN A 111 13.17 -32.15 23.05
C ASN A 111 12.55 -33.39 23.72
N ASP A 112 12.95 -34.60 23.32
CA ASP A 112 12.33 -35.72 23.98
C ASP A 112 12.64 -35.83 25.48
N VAL A 113 13.83 -35.38 25.90
CA VAL A 113 14.17 -35.41 27.33
C VAL A 113 13.93 -34.09 28.10
N ALA A 114 14.20 -32.94 27.49
CA ALA A 114 13.97 -31.65 28.17
C ALA A 114 12.51 -31.45 28.53
N VAL A 115 11.62 -32.13 27.81
CA VAL A 115 10.21 -31.97 28.09
C VAL A 115 9.81 -32.72 29.37
N GLU A 116 10.50 -33.83 29.67
CA GLU A 116 10.24 -34.59 30.87
C GLU A 116 10.76 -33.81 32.08
N GLY A 117 11.96 -33.27 31.96
CA GLY A 117 12.48 -32.50 33.07
C GLY A 117 11.60 -31.28 33.24
N PHE A 118 10.93 -30.85 32.15
CA PHE A 118 10.07 -29.65 32.18
C PHE A 118 8.80 -30.02 32.90
N ALA A 119 8.22 -31.17 32.53
CA ALA A 119 6.99 -31.66 33.17
C ALA A 119 7.30 -31.92 34.62
N LYS A 120 8.53 -32.33 34.90
CA LYS A 120 8.88 -32.62 36.28
C LYS A 120 9.04 -31.34 37.04
N LYS A 121 9.81 -30.44 36.48
CA LYS A 121 10.05 -29.20 37.17
C LYS A 121 8.81 -28.35 37.39
N THR A 122 7.81 -28.47 36.52
CA THR A 122 6.61 -27.65 36.72
C THR A 122 5.52 -28.47 37.37
N GLY A 123 5.78 -29.75 37.54
CA GLY A 123 4.76 -30.62 38.11
C GLY A 123 3.49 -30.61 37.27
N ASN A 124 3.58 -30.32 35.99
CA ASN A 124 2.42 -30.23 35.10
C ASN A 124 2.71 -30.84 33.72
N PRO A 125 2.62 -32.16 33.59
CA PRO A 125 2.88 -32.81 32.30
C PRO A 125 1.99 -32.40 31.14
N ARG A 126 0.75 -32.07 31.40
CA ARG A 126 -0.16 -31.68 30.32
C ARG A 126 0.40 -30.41 29.71
N PHE A 127 0.88 -29.53 30.59
CA PHE A 127 1.45 -28.28 30.19
C PHE A 127 2.76 -28.46 29.40
N ALA A 128 3.61 -29.40 29.84
CA ALA A 128 4.90 -29.64 29.19
C ALA A 128 4.71 -30.20 27.79
N TYR A 129 3.82 -31.17 27.64
CA TYR A 129 3.62 -31.74 26.32
C TYR A 129 2.81 -30.82 25.44
N ASP A 130 2.01 -29.92 26.03
CA ASP A 130 1.25 -29.00 25.19
C ASP A 130 2.24 -28.12 24.44
N SER A 131 3.21 -27.58 25.20
CA SER A 131 4.22 -26.70 24.70
C SER A 131 5.13 -27.39 23.71
N TYR A 132 5.51 -28.61 24.01
CA TYR A 132 6.35 -29.36 23.09
C TYR A 132 5.63 -29.63 21.76
N ARG A 133 4.35 -29.94 21.80
CA ARG A 133 3.70 -30.18 20.50
C ARG A 133 3.46 -28.85 19.79
N ARG A 134 3.51 -27.74 20.54
CA ARG A 134 3.32 -26.42 19.90
C ARG A 134 4.62 -26.08 19.19
N PHE A 135 5.73 -26.33 19.87
CA PHE A 135 7.03 -26.08 19.29
C PHE A 135 7.27 -26.95 18.02
N ILE A 136 6.90 -28.23 18.07
CA ILE A 136 7.12 -29.11 16.92
C ILE A 136 6.40 -28.49 15.73
N GLN A 137 5.13 -28.10 15.94
CA GLN A 137 4.40 -27.52 14.84
C GLN A 137 4.99 -26.22 14.29
N MET A 138 5.23 -25.23 15.17
CA MET A 138 5.72 -23.93 14.73
C MET A 138 7.08 -24.03 14.08
N TYR A 139 7.91 -24.93 14.58
CA TYR A 139 9.24 -25.07 14.05
C TYR A 139 9.17 -25.69 12.65
N SER A 140 8.34 -26.72 12.48
CA SER A 140 8.14 -27.37 11.20
C SER A 140 7.57 -26.33 10.20
N ASP A 141 6.71 -25.47 10.69
CA ASP A 141 6.06 -24.44 9.88
C ASP A 141 7.07 -23.44 9.42
N VAL A 142 7.57 -22.71 10.40
CA VAL A 142 8.56 -21.66 10.23
C VAL A 142 9.92 -22.07 9.62
N VAL A 143 10.63 -23.04 10.21
CA VAL A 143 11.94 -23.46 9.68
C VAL A 143 11.92 -24.21 8.33
N MET A 144 10.95 -25.08 8.17
CA MET A 144 10.77 -25.84 6.94
C MET A 144 9.52 -25.15 6.46
N GLU A 145 8.58 -25.87 5.89
CA GLU A 145 7.39 -25.16 5.53
C GLU A 145 6.20 -26.08 5.57
N VAL A 146 6.34 -27.14 6.38
CA VAL A 146 5.27 -28.11 6.56
C VAL A 146 4.05 -27.25 6.85
N PRO A 147 3.01 -27.38 6.01
CA PRO A 147 1.76 -26.61 6.17
C PRO A 147 1.00 -26.90 7.46
N LYS A 148 0.72 -25.85 8.25
CA LYS A 148 -0.01 -26.00 9.52
C LYS A 148 -1.08 -27.07 9.36
N SER A 149 -1.63 -27.14 8.15
CA SER A 149 -2.64 -28.11 7.78
C SER A 149 -2.34 -29.53 8.27
N HIS A 150 -1.15 -30.06 7.96
CA HIS A 150 -0.80 -31.43 8.37
C HIS A 150 -0.87 -31.65 9.86
N PHE A 151 -0.75 -30.59 10.63
CA PHE A 151 -0.79 -30.72 12.07
C PHE A 151 -2.19 -30.55 12.59
N GLU A 152 -2.88 -29.54 12.09
CA GLU A 152 -4.25 -29.29 12.52
C GLU A 152 -5.04 -30.55 12.19
N LYS A 153 -4.70 -31.17 11.07
CA LYS A 153 -5.35 -32.40 10.62
C LYS A 153 -5.16 -33.46 11.69
N ILE A 154 -3.92 -33.64 12.16
CA ILE A 154 -3.61 -34.64 13.18
C ILE A 154 -4.32 -34.38 14.50
N ILE A 155 -4.33 -33.12 14.94
CA ILE A 155 -4.96 -32.76 16.20
C ILE A 155 -6.48 -32.89 16.15
N ASP A 156 -7.05 -32.63 14.99
CA ASP A 156 -8.50 -32.75 14.77
C ASP A 156 -8.92 -34.21 14.85
N ALA A 157 -8.07 -35.08 14.33
CA ALA A 157 -8.33 -36.50 14.39
C ALA A 157 -8.48 -36.83 15.87
N MET A 158 -7.39 -36.68 16.60
CA MET A 158 -7.35 -37.00 18.02
C MET A 158 -8.49 -36.43 18.87
N LYS A 159 -8.95 -35.21 18.59
CA LYS A 159 -10.03 -34.60 19.35
C LYS A 159 -11.36 -35.24 18.95
N GLU A 160 -11.49 -35.56 17.66
CA GLU A 160 -12.69 -36.18 17.11
C GLU A 160 -12.59 -37.70 17.23
N GLU A 161 -12.07 -38.16 18.35
CA GLU A 161 -11.92 -39.58 18.62
C GLU A 161 -12.04 -39.77 20.12
N LYS A 162 -11.28 -38.97 20.84
CA LYS A 162 -11.29 -38.98 22.29
C LYS A 162 -12.60 -38.29 22.65
N GLY A 163 -13.42 -38.06 21.63
CA GLY A 163 -14.69 -37.40 21.84
C GLY A 163 -14.48 -36.13 22.62
N VAL A 164 -13.66 -35.24 22.08
CA VAL A 164 -13.35 -33.97 22.72
C VAL A 164 -13.83 -32.82 21.83
N HIS A 165 -14.08 -31.67 22.46
CA HIS A 165 -14.57 -30.48 21.75
C HIS A 165 -13.53 -29.38 21.60
N PHE A 166 -12.50 -29.37 22.45
CA PHE A 166 -11.47 -28.35 22.37
C PHE A 166 -10.07 -28.88 22.66
N ASP A 167 -9.07 -28.13 22.19
CA ASP A 167 -7.67 -28.47 22.42
C ASP A 167 -7.41 -28.51 23.94
N THR A 168 -8.12 -27.66 24.66
CA THR A 168 -7.99 -27.56 26.11
C THR A 168 -8.36 -28.87 26.80
N ASP A 169 -9.18 -29.68 26.13
CA ASP A 169 -9.62 -30.96 26.72
C ASP A 169 -8.78 -32.17 26.33
N LEU A 170 -7.47 -31.98 26.31
CA LEU A 170 -6.56 -33.05 25.96
C LEU A 170 -5.63 -33.39 27.09
N THR A 171 -5.51 -34.69 27.31
CA THR A 171 -4.70 -35.32 28.35
C THR A 171 -3.23 -35.17 28.04
N ALA A 172 -2.44 -35.16 29.11
CA ALA A 172 -1.00 -35.11 28.97
C ALA A 172 -0.61 -36.35 28.14
N ASP A 173 -1.35 -37.46 28.29
CA ASP A 173 -1.07 -38.69 27.51
C ASP A 173 -1.33 -38.42 26.02
N ASP A 174 -2.44 -37.72 25.74
CA ASP A 174 -2.81 -37.34 24.38
C ASP A 174 -1.77 -36.42 23.77
N LEU A 175 -1.35 -35.42 24.55
CA LEU A 175 -0.36 -34.47 24.06
C LEU A 175 0.96 -35.16 23.86
N LYS A 176 1.27 -36.10 24.75
CA LYS A 176 2.52 -36.86 24.69
C LYS A 176 2.45 -37.62 23.37
N GLU A 177 1.26 -38.16 23.11
CA GLU A 177 1.00 -38.93 21.89
C GLU A 177 1.07 -38.02 20.65
N LEU A 178 0.37 -36.88 20.75
CA LEU A 178 0.34 -35.91 19.67
C LEU A 178 1.76 -35.47 19.31
N ALA A 179 2.59 -35.22 20.32
CA ALA A 179 3.95 -34.80 20.06
C ALA A 179 4.68 -35.83 19.19
N GLU A 180 4.44 -37.12 19.45
CA GLU A 180 5.09 -38.15 18.63
C GLU A 180 4.48 -38.12 17.21
N LYS A 181 3.17 -37.90 17.11
CA LYS A 181 2.55 -37.81 15.78
C LYS A 181 3.11 -36.59 15.03
N PHE A 182 3.31 -35.47 15.74
CA PHE A 182 3.83 -34.24 15.11
C PHE A 182 5.26 -34.43 14.64
N LYS A 183 6.10 -35.06 15.46
CA LYS A 183 7.47 -35.32 15.08
C LYS A 183 7.51 -36.22 13.86
N ALA A 184 6.54 -37.15 13.77
CA ALA A 184 6.48 -38.08 12.65
C ALA A 184 6.26 -37.31 11.36
N VAL A 185 5.58 -36.17 11.46
CA VAL A 185 5.30 -35.33 10.29
C VAL A 185 6.57 -34.66 9.82
N TYR A 186 7.24 -33.94 10.70
CA TYR A 186 8.50 -33.27 10.35
C TYR A 186 9.47 -34.25 9.75
N LYS A 187 9.42 -35.50 10.19
CA LYS A 187 10.32 -36.50 9.66
C LYS A 187 9.77 -36.97 8.32
N GLU A 188 8.50 -37.38 8.35
CA GLU A 188 7.75 -37.86 7.19
C GLU A 188 7.58 -36.76 6.15
N ALA A 189 8.57 -35.89 6.06
CA ALA A 189 8.56 -34.79 5.11
C ALA A 189 9.95 -34.19 5.05
N MET A 190 10.90 -34.88 5.65
CA MET A 190 12.27 -34.41 5.66
C MET A 190 13.31 -35.47 5.30
N ASN A 191 13.09 -36.16 4.18
CA ASN A 191 14.01 -37.19 3.72
C ASN A 191 14.34 -38.12 4.89
N GLY A 192 13.34 -38.36 5.73
CA GLY A 192 13.54 -39.23 6.89
C GLY A 192 14.25 -38.58 8.07
N GLU A 193 14.79 -37.38 7.89
CA GLU A 193 15.49 -36.70 8.99
C GLU A 193 14.50 -36.47 10.15
N GLU A 194 15.00 -36.63 11.38
CA GLU A 194 14.14 -36.45 12.55
C GLU A 194 14.20 -35.03 13.09
N PHE A 195 13.16 -34.65 13.83
CA PHE A 195 13.10 -33.32 14.43
C PHE A 195 14.35 -33.08 15.27
N PRO A 196 15.01 -31.94 15.06
CA PRO A 196 16.23 -31.60 15.81
C PRO A 196 16.02 -31.68 17.27
N GLN A 197 16.77 -32.58 17.90
CA GLN A 197 16.70 -32.81 19.31
C GLN A 197 17.67 -31.92 20.08
N GLU A 198 18.62 -31.29 19.42
CA GLU A 198 19.57 -30.44 20.16
C GLU A 198 19.13 -28.96 20.30
N PRO A 199 19.01 -28.46 21.52
CA PRO A 199 18.59 -27.05 21.55
C PRO A 199 19.43 -26.09 20.69
N LYS A 200 20.73 -26.31 20.58
CA LYS A 200 21.50 -25.39 19.78
C LYS A 200 21.22 -25.52 18.30
N ASP A 201 20.94 -26.75 17.84
CA ASP A 201 20.62 -26.94 16.46
C ASP A 201 19.26 -26.29 16.17
N GLN A 202 18.37 -26.33 17.17
CA GLN A 202 17.06 -25.74 17.04
C GLN A 202 17.18 -24.23 16.90
N LEU A 203 18.03 -23.62 17.74
CA LEU A 203 18.18 -22.19 17.72
C LEU A 203 18.85 -21.78 16.41
N MET A 204 19.92 -22.46 16.01
CA MET A 204 20.53 -22.03 14.75
C MET A 204 19.56 -22.31 13.58
N GLY A 205 18.83 -23.41 13.64
CA GLY A 205 17.88 -23.64 12.56
C GLY A 205 16.83 -22.53 12.43
N ALA A 206 16.36 -22.03 13.57
CA ALA A 206 15.36 -21.00 13.58
C ALA A 206 15.94 -19.68 13.06
N VAL A 207 17.14 -19.35 13.54
CA VAL A 207 17.83 -18.15 13.11
C VAL A 207 18.07 -18.06 11.58
N LYS A 208 18.63 -19.12 10.99
CA LYS A 208 18.92 -19.15 9.55
C LYS A 208 17.63 -19.14 8.78
N ALA A 209 16.55 -19.61 9.41
CA ALA A 209 15.27 -19.68 8.70
C ALA A 209 14.70 -18.27 8.55
N VAL A 210 14.88 -17.46 9.57
CA VAL A 210 14.42 -16.09 9.58
C VAL A 210 15.15 -15.38 8.40
N PHE A 211 16.48 -15.27 8.47
CA PHE A 211 17.27 -14.67 7.35
C PHE A 211 16.88 -15.25 6.01
N ARG A 212 16.91 -16.56 5.92
CA ARG A 212 16.51 -17.21 4.67
C ARG A 212 15.17 -16.65 4.20
N SER A 213 14.20 -16.57 5.11
CA SER A 213 12.86 -16.08 4.77
C SER A 213 12.74 -14.66 4.26
N TRP A 214 13.71 -13.82 4.60
CA TRP A 214 13.74 -12.43 4.18
C TRP A 214 13.75 -12.29 2.67
N ASP A 215 14.06 -13.40 1.99
CA ASP A 215 14.13 -13.43 0.55
C ASP A 215 13.07 -14.34 -0.03
N ASN A 216 12.06 -14.68 0.77
CA ASN A 216 10.96 -15.51 0.32
C ASN A 216 10.22 -14.69 -0.74
N PRO A 217 9.68 -15.33 -1.80
CA PRO A 217 8.97 -14.51 -2.80
C PRO A 217 7.88 -13.66 -2.15
N ARG A 218 7.28 -14.18 -1.09
CA ARG A 218 6.19 -13.44 -0.42
C ARG A 218 6.67 -12.19 0.34
N ALA A 219 7.88 -12.26 0.91
CA ALA A 219 8.43 -11.08 1.60
C ALA A 219 8.81 -10.05 0.54
N ILE A 220 9.35 -10.51 -0.59
CA ILE A 220 9.73 -9.57 -1.62
C ILE A 220 8.51 -8.74 -2.05
N VAL A 221 7.51 -9.45 -2.56
CA VAL A 221 6.26 -8.87 -3.04
C VAL A 221 5.67 -7.97 -1.98
N TYR A 222 5.72 -8.41 -0.74
CA TYR A 222 5.16 -7.58 0.32
C TYR A 222 5.93 -6.29 0.48
N ARG A 223 7.25 -6.35 0.52
CA ARG A 223 8.05 -5.12 0.69
C ARG A 223 7.85 -4.08 -0.42
N ARG A 224 7.49 -4.54 -1.62
CA ARG A 224 7.30 -3.62 -2.72
C ARG A 224 5.94 -2.96 -2.56
N MET A 225 4.97 -3.72 -2.06
CA MET A 225 3.63 -3.17 -1.86
C MET A 225 3.67 -2.18 -0.76
N ASN A 226 4.75 -2.22 0.00
CA ASN A 226 4.90 -1.34 1.14
C ASN A 226 6.16 -0.46 1.08
N ASP A 227 6.87 -0.49 -0.04
CA ASP A 227 8.05 0.35 -0.22
C ASP A 227 9.07 0.18 0.92
N ILE A 228 9.42 -1.07 1.20
CA ILE A 228 10.40 -1.43 2.22
C ILE A 228 11.58 -1.86 1.38
N PRO A 229 12.74 -1.24 1.56
CA PRO A 229 13.89 -1.67 0.74
C PRO A 229 14.34 -3.05 1.19
N GLY A 230 14.71 -3.87 0.22
CA GLY A 230 15.15 -5.20 0.52
C GLY A 230 16.47 -5.34 1.27
N ASP A 231 17.39 -4.41 1.10
CA ASP A 231 18.67 -4.51 1.77
C ASP A 231 18.58 -4.17 3.24
N TRP A 232 17.39 -3.92 3.76
CA TRP A 232 17.32 -3.57 5.18
C TRP A 232 17.58 -4.81 6.05
N GLY A 233 17.15 -5.99 5.59
CA GLY A 233 17.36 -7.20 6.36
C GLY A 233 16.35 -7.33 7.49
N THR A 234 16.58 -8.30 8.37
CA THR A 234 15.69 -8.51 9.49
C THR A 234 16.53 -8.93 10.67
N ALA A 235 16.10 -8.56 11.86
CA ALA A 235 16.85 -8.98 13.04
C ALA A 235 16.10 -10.18 13.59
N VAL A 236 16.72 -10.93 14.52
CA VAL A 236 16.08 -12.08 15.16
C VAL A 236 16.14 -11.85 16.68
N ASN A 237 14.98 -11.81 17.33
CA ASN A 237 14.85 -11.60 18.76
C ASN A 237 14.68 -12.92 19.47
N VAL A 238 15.52 -13.16 20.47
CA VAL A 238 15.49 -14.42 21.26
C VAL A 238 15.18 -14.02 22.71
N GLN A 239 14.07 -14.53 23.22
CA GLN A 239 13.59 -14.20 24.55
C GLN A 239 13.20 -15.41 25.40
N THR A 240 13.48 -15.28 26.70
CA THR A 240 13.18 -16.30 27.68
C THR A 240 11.65 -16.40 27.65
N MET A 241 11.13 -17.64 27.63
CA MET A 241 9.71 -17.88 27.52
C MET A 241 8.86 -17.54 28.76
N VAL A 242 7.63 -17.03 28.54
CA VAL A 242 6.61 -16.85 29.60
C VAL A 242 5.43 -17.60 28.99
N PHE A 243 4.72 -18.36 29.80
CA PHE A 243 3.67 -19.21 29.27
C PHE A 243 2.23 -18.87 29.65
N GLY A 244 1.38 -18.69 28.65
CA GLY A 244 0.03 -18.36 28.97
C GLY A 244 -0.84 -19.58 28.83
N ASN A 245 -0.20 -20.74 28.80
CA ASN A 245 -0.87 -22.01 28.64
C ASN A 245 -0.52 -22.91 29.83
N LYS A 246 0.08 -22.35 30.87
CA LYS A 246 0.36 -23.08 32.10
C LYS A 246 -1.00 -23.41 32.83
N GLY A 247 -2.07 -22.71 32.49
CA GLY A 247 -3.32 -23.00 33.17
C GLY A 247 -4.42 -21.94 33.18
N GLU A 248 -5.33 -22.08 34.14
CA GLU A 248 -6.47 -21.20 34.26
C GLU A 248 -6.18 -19.82 34.71
N THR A 249 -5.04 -19.61 35.34
CA THR A 249 -4.69 -18.25 35.71
C THR A 249 -3.63 -17.74 34.74
N SER A 250 -3.56 -18.39 33.58
CA SER A 250 -2.61 -18.01 32.52
C SER A 250 -3.32 -17.66 31.21
N GLY A 251 -2.73 -16.73 30.47
CA GLY A 251 -3.34 -16.39 29.20
C GLY A 251 -2.45 -15.54 28.32
N THR A 252 -2.92 -15.18 27.13
CA THR A 252 -2.13 -14.36 26.23
C THR A 252 -3.05 -13.43 25.40
N GLY A 253 -2.58 -12.24 25.06
CA GLY A 253 -3.44 -11.34 24.30
C GLY A 253 -2.76 -10.32 23.42
N VAL A 254 -3.54 -9.63 22.59
CA VAL A 254 -3.02 -8.59 21.71
C VAL A 254 -3.90 -7.35 21.82
N ALA A 255 -3.36 -6.22 22.27
CA ALA A 255 -4.20 -5.04 22.38
C ALA A 255 -3.68 -3.78 21.71
N PHE A 256 -4.62 -2.89 21.41
CA PHE A 256 -4.37 -1.62 20.78
C PHE A 256 -4.92 -0.59 21.80
N THR A 257 -4.13 0.43 22.15
CA THR A 257 -4.58 1.43 23.13
C THR A 257 -5.73 2.33 22.57
N ARG A 258 -6.08 2.16 21.29
CA ARG A 258 -7.15 2.86 20.58
C ARG A 258 -7.58 1.98 19.37
N ASN A 259 -8.80 2.19 18.93
CA ASN A 259 -9.34 1.41 17.83
C ASN A 259 -8.59 1.66 16.52
N PRO A 260 -7.92 0.64 16.01
CA PRO A 260 -7.15 0.79 14.76
C PRO A 260 -8.00 0.84 13.50
N SER A 261 -9.31 0.56 13.58
CA SER A 261 -10.14 0.70 12.40
C SER A 261 -10.84 2.10 12.38
N THR A 262 -11.33 2.59 13.55
CA THR A 262 -12.00 3.88 13.70
C THR A 262 -11.12 4.97 14.28
N GLY A 263 -10.17 4.61 15.13
CA GLY A 263 -9.34 5.62 15.79
C GLY A 263 -9.87 5.99 17.18
N GLU A 264 -11.08 5.54 17.46
CA GLU A 264 -11.73 5.84 18.75
C GLU A 264 -10.88 5.48 19.93
N LYS A 265 -10.61 6.47 20.79
CA LYS A 265 -9.79 6.25 21.99
C LYS A 265 -10.30 5.10 22.87
N GLY A 266 -9.37 4.33 23.45
CA GLY A 266 -9.77 3.24 24.32
C GLY A 266 -9.17 1.88 23.98
N ILE A 267 -9.05 1.00 24.95
CA ILE A 267 -8.46 -0.29 24.68
C ILE A 267 -9.19 -1.19 23.70
N TYR A 268 -8.43 -1.77 22.80
CA TYR A 268 -9.05 -2.59 21.79
C TYR A 268 -8.31 -3.90 21.62
N GLY A 269 -9.01 -4.99 21.35
CA GLY A 269 -8.29 -6.25 21.16
C GLY A 269 -8.89 -7.54 21.71
N GLU A 270 -8.06 -8.54 21.92
CA GLU A 270 -8.55 -9.84 22.32
C GLU A 270 -7.56 -10.63 23.10
N TYR A 271 -8.01 -11.73 23.69
CA TYR A 271 -7.14 -12.62 24.46
C TYR A 271 -7.78 -13.99 24.61
N LEU A 272 -7.07 -14.88 25.29
CA LEU A 272 -7.53 -16.25 25.58
C LEU A 272 -6.85 -16.67 26.84
N ILE A 273 -7.58 -17.36 27.71
CA ILE A 273 -7.04 -17.87 28.96
C ILE A 273 -6.55 -19.24 28.58
N ASN A 274 -5.44 -19.63 29.17
CA ASN A 274 -4.77 -20.87 28.90
C ASN A 274 -4.48 -21.06 27.44
N ALA A 275 -3.57 -20.29 26.91
CA ALA A 275 -3.26 -20.44 25.48
C ALA A 275 -1.93 -19.80 25.13
N GLN A 276 -1.49 -19.96 23.89
CA GLN A 276 -0.28 -19.25 23.47
C GLN A 276 -0.74 -18.36 22.30
N GLY A 277 0.08 -17.39 21.92
CA GLY A 277 -0.34 -16.46 20.87
C GLY A 277 -1.14 -17.10 19.74
N GLU A 278 -0.55 -18.11 19.11
CA GLU A 278 -1.17 -18.82 17.97
C GLU A 278 -2.67 -18.94 18.11
N ASP A 279 -3.11 -19.48 19.23
CA ASP A 279 -4.53 -19.70 19.48
C ASP A 279 -5.46 -18.49 19.25
N VAL A 280 -5.02 -17.33 19.74
CA VAL A 280 -5.73 -16.05 19.65
C VAL A 280 -5.89 -15.69 18.19
N VAL A 281 -4.75 -15.62 17.51
CA VAL A 281 -4.69 -15.34 16.08
C VAL A 281 -5.62 -16.29 15.27
N ALA A 282 -5.55 -17.58 15.57
CA ALA A 282 -6.32 -18.62 14.92
C ALA A 282 -7.82 -18.62 15.23
N GLY A 283 -8.18 -18.09 16.40
CA GLY A 283 -9.58 -18.04 16.81
C GLY A 283 -10.39 -19.33 16.78
N VAL A 284 -9.78 -20.48 17.08
CA VAL A 284 -10.55 -21.73 17.11
C VAL A 284 -11.47 -21.56 18.29
N ARG A 285 -10.88 -21.17 19.42
CA ARG A 285 -11.66 -20.86 20.62
C ARG A 285 -11.83 -19.37 20.38
N THR A 286 -13.07 -18.94 20.20
CA THR A 286 -13.33 -17.54 19.89
C THR A 286 -12.73 -16.55 20.89
N PRO A 287 -11.83 -15.70 20.40
CA PRO A 287 -11.19 -14.73 21.28
C PRO A 287 -12.10 -13.80 22.02
N GLN A 288 -11.72 -13.54 23.26
CA GLN A 288 -12.48 -12.67 24.12
C GLN A 288 -12.07 -11.23 23.88
N PRO A 289 -13.00 -10.29 23.99
CA PRO A 289 -12.60 -8.90 23.79
C PRO A 289 -11.71 -8.53 24.96
N ILE A 290 -10.65 -7.80 24.69
CA ILE A 290 -9.72 -7.43 25.74
C ILE A 290 -10.41 -6.83 26.98
N THR A 291 -11.49 -6.11 26.80
CA THR A 291 -12.22 -5.53 27.95
C THR A 291 -12.75 -6.55 29.00
N GLN A 292 -13.07 -7.76 28.56
CA GLN A 292 -13.61 -8.83 29.42
C GLN A 292 -12.59 -9.37 30.43
N LEU A 293 -11.31 -9.21 30.14
CA LEU A 293 -10.26 -9.67 31.02
C LEU A 293 -10.36 -9.00 32.40
N GLU A 294 -10.99 -7.82 32.45
CA GLU A 294 -11.13 -7.14 33.73
C GLU A 294 -12.10 -7.97 34.56
N ASN A 295 -12.89 -8.80 33.89
CA ASN A 295 -13.86 -9.66 34.57
C ASN A 295 -13.12 -10.84 35.12
N ASP A 296 -12.35 -11.51 34.27
CA ASP A 296 -11.57 -12.70 34.65
C ASP A 296 -10.47 -12.44 35.68
N MET A 297 -9.64 -11.41 35.44
CA MET A 297 -8.49 -11.07 36.29
C MET A 297 -8.33 -9.57 36.46
N PRO A 298 -9.23 -8.94 37.22
CA PRO A 298 -9.15 -7.49 37.42
C PRO A 298 -7.78 -6.97 37.74
N ASP A 299 -7.06 -7.70 38.58
CA ASP A 299 -5.73 -7.29 38.97
C ASP A 299 -4.67 -7.15 37.87
N CYS A 300 -4.62 -8.14 36.99
CA CYS A 300 -3.69 -8.12 35.87
C CYS A 300 -4.18 -7.10 34.83
N TYR A 301 -5.49 -6.87 34.79
CA TYR A 301 -6.08 -5.93 33.87
C TYR A 301 -5.74 -4.51 34.29
N LYS A 302 -5.86 -4.26 35.57
CA LYS A 302 -5.51 -2.95 36.08
C LYS A 302 -4.03 -2.73 35.71
N GLN A 303 -3.16 -3.65 36.13
CA GLN A 303 -1.75 -3.49 35.78
C GLN A 303 -1.51 -3.35 34.26
N PHE A 304 -2.22 -4.13 33.46
CA PHE A 304 -2.05 -4.06 32.04
C PHE A 304 -2.54 -2.73 31.46
N MET A 305 -3.64 -2.21 31.98
CA MET A 305 -4.16 -0.94 31.45
C MET A 305 -3.20 0.19 31.75
N ASP A 306 -2.61 0.17 32.93
CA ASP A 306 -1.65 1.22 33.31
C ASP A 306 -0.40 1.17 32.41
N LEU A 307 0.13 -0.03 32.25
CA LEU A 307 1.29 -0.24 31.40
C LEU A 307 1.01 0.15 29.96
N ALA A 308 -0.21 -0.09 29.49
CA ALA A 308 -0.60 0.24 28.14
C ALA A 308 -0.63 1.75 27.95
N MET A 309 -1.21 2.47 28.91
CA MET A 309 -1.25 3.92 28.80
C MET A 309 0.15 4.49 29.01
N LYS A 310 0.99 3.81 29.80
CA LYS A 310 2.35 4.30 29.96
C LYS A 310 3.08 4.10 28.61
N LEU A 311 2.71 3.07 27.86
CA LEU A 311 3.39 2.83 26.60
C LEU A 311 2.97 3.79 25.55
N GLU A 312 1.75 4.29 25.65
CA GLU A 312 1.26 5.22 24.65
C GLU A 312 1.80 6.62 24.91
N LYS A 313 1.72 7.07 26.16
CA LYS A 313 2.30 8.37 26.51
C LYS A 313 3.81 8.36 26.16
N HIS A 314 4.50 7.25 26.42
CA HIS A 314 5.94 7.18 26.13
C HIS A 314 6.34 7.23 24.66
N PHE A 315 5.66 6.47 23.82
CA PHE A 315 5.94 6.46 22.39
C PHE A 315 5.19 7.59 21.72
N ARG A 316 4.38 8.24 22.52
CA ARG A 316 3.56 9.34 22.09
C ARG A 316 2.76 9.04 20.85
N ASP A 317 2.24 7.80 20.77
CA ASP A 317 1.36 7.35 19.68
C ASP A 317 0.59 6.07 20.08
N MET A 318 -0.52 5.78 19.40
CA MET A 318 -1.28 4.58 19.72
C MET A 318 -0.40 3.33 19.65
N GLN A 319 -0.45 2.48 20.67
CA GLN A 319 0.38 1.24 20.70
C GLN A 319 -0.36 -0.09 20.44
N ASP A 320 0.26 -0.94 19.64
CA ASP A 320 -0.17 -2.31 19.31
C ASP A 320 0.69 -3.16 20.27
N MET A 321 0.06 -3.79 21.27
CA MET A 321 0.83 -4.56 22.25
C MET A 321 0.51 -6.02 22.36
N GLU A 322 1.45 -6.78 22.94
CA GLU A 322 1.23 -8.22 23.12
C GLU A 322 1.67 -8.58 24.51
N PHE A 323 0.82 -9.29 25.22
CA PHE A 323 1.18 -9.66 26.57
C PHE A 323 0.78 -11.09 26.85
N THR A 324 1.36 -11.58 27.92
CA THR A 324 1.09 -12.93 28.40
C THR A 324 1.01 -12.87 29.89
N ILE A 325 -0.01 -13.51 30.47
CA ILE A 325 -0.17 -13.57 31.91
C ILE A 325 0.31 -15.00 32.27
N GLU A 326 1.26 -15.14 33.18
CA GLU A 326 1.66 -16.52 33.50
C GLU A 326 1.33 -16.78 34.97
N GLU A 327 0.38 -17.67 35.19
CA GLU A 327 -0.13 -17.94 36.52
C GLU A 327 -0.24 -16.64 37.29
N GLY A 328 -1.10 -15.73 36.80
CA GLY A 328 -1.34 -14.46 37.48
C GLY A 328 -0.33 -13.34 37.43
N LYS A 329 0.74 -13.51 36.65
CA LYS A 329 1.74 -12.46 36.56
C LYS A 329 1.79 -12.03 35.12
N LEU A 330 1.71 -10.72 34.92
CA LEU A 330 1.75 -10.08 33.63
C LEU A 330 3.14 -9.78 33.08
N TYR A 331 3.30 -10.12 31.80
CA TYR A 331 4.52 -9.86 31.04
C TYR A 331 4.11 -9.19 29.71
N PHE A 332 4.93 -8.24 29.24
CA PHE A 332 4.68 -7.62 27.94
C PHE A 332 5.78 -8.24 27.05
N LEU A 333 5.42 -8.52 25.80
CA LEU A 333 6.32 -9.18 24.84
C LEU A 333 6.60 -8.36 23.61
N GLN A 334 5.84 -7.29 23.42
CA GLN A 334 5.98 -6.49 22.22
C GLN A 334 5.11 -5.27 22.33
N THR A 335 5.47 -4.23 21.60
CA THR A 335 4.70 -3.00 21.53
C THR A 335 5.30 -2.35 20.30
N ARG A 336 4.46 -1.71 19.51
CA ARG A 336 4.90 -1.05 18.28
C ARG A 336 3.83 -0.02 17.95
N ASN A 337 4.20 1.10 17.33
CA ASN A 337 3.16 2.06 16.96
C ASN A 337 2.17 1.28 16.08
N GLY A 338 0.92 1.22 16.48
CA GLY A 338 -0.05 0.44 15.72
C GLY A 338 -0.46 0.82 14.33
N LYS A 339 -0.55 -0.18 13.44
CA LYS A 339 -0.99 0.09 12.09
C LYS A 339 -2.47 0.41 12.18
N ARG A 340 -2.95 1.19 11.25
CA ARG A 340 -4.34 1.63 11.32
C ARG A 340 -4.79 2.11 9.98
N THR A 341 -6.10 2.21 9.85
CA THR A 341 -6.72 2.72 8.64
C THR A 341 -6.56 4.26 8.61
N ALA A 342 -6.85 4.86 7.47
CA ALA A 342 -6.77 6.30 7.29
C ALA A 342 -7.72 6.98 8.27
N PRO A 343 -8.98 6.58 8.27
CA PRO A 343 -9.87 7.25 9.23
C PRO A 343 -9.28 7.25 10.65
N ALA A 344 -8.69 6.11 11.01
CA ALA A 344 -8.13 5.92 12.34
C ALA A 344 -6.89 6.81 12.59
N ALA A 345 -5.99 6.93 11.61
CA ALA A 345 -4.80 7.73 11.83
C ALA A 345 -5.14 9.21 12.03
N LEU A 346 -6.17 9.69 11.35
CA LEU A 346 -6.59 11.09 11.45
C LEU A 346 -7.24 11.32 12.84
N GLN A 347 -8.37 10.64 13.07
CA GLN A 347 -9.02 10.71 14.36
C GLN A 347 -7.97 10.67 15.51
N ILE A 348 -7.08 9.68 15.51
CA ILE A 348 -6.08 9.55 16.57
C ILE A 348 -5.08 10.69 16.68
N ALA A 349 -4.44 11.02 15.56
CA ALA A 349 -3.46 12.11 15.56
C ALA A 349 -4.16 13.38 16.06
N CYS A 350 -5.46 13.49 15.82
CA CYS A 350 -6.17 14.64 16.30
C CYS A 350 -6.47 14.63 17.80
N ASP A 351 -6.77 13.45 18.37
CA ASP A 351 -7.01 13.37 19.82
C ASP A 351 -5.66 13.59 20.52
N LEU A 352 -4.61 12.98 20.01
CA LEU A 352 -3.29 13.12 20.60
C LEU A 352 -2.83 14.58 20.69
N VAL A 353 -3.28 15.34 19.70
CA VAL A 353 -2.99 16.77 19.61
C VAL A 353 -3.82 17.53 20.66
N ASP A 354 -5.11 17.21 20.71
CA ASP A 354 -5.99 17.87 21.66
C ASP A 354 -5.69 17.57 23.16
N GLU A 355 -4.98 16.48 23.47
CA GLU A 355 -4.68 16.07 24.83
C GLU A 355 -3.29 16.61 25.25
N GLY A 356 -2.63 17.25 24.31
CA GLY A 356 -1.34 17.85 24.60
C GLY A 356 -0.18 16.90 24.43
N MET A 357 -0.49 15.70 23.98
CA MET A 357 0.55 14.71 23.82
C MET A 357 1.50 14.94 22.65
N ILE A 358 1.02 15.39 21.50
CA ILE A 358 1.91 15.60 20.34
C ILE A 358 1.55 16.91 19.65
N THR A 359 2.53 17.51 18.95
CA THR A 359 2.28 18.74 18.22
C THR A 359 1.56 18.44 16.90
N GLU A 360 1.01 19.49 16.29
CA GLU A 360 0.32 19.39 15.01
C GLU A 360 1.34 18.92 13.98
N GLU A 361 2.60 19.37 14.11
CA GLU A 361 3.69 18.96 13.21
C GLU A 361 3.90 17.44 13.34
N GLU A 362 3.90 16.96 14.59
CA GLU A 362 4.12 15.54 14.89
C GLU A 362 2.95 14.70 14.41
N ALA A 363 1.78 15.31 14.34
CA ALA A 363 0.58 14.62 13.92
C ALA A 363 0.53 14.42 12.39
N VAL A 364 0.93 15.45 11.67
CA VAL A 364 0.92 15.44 10.22
C VAL A 364 2.00 14.49 9.74
N VAL A 365 3.20 14.71 10.22
CA VAL A 365 4.37 13.90 9.86
C VAL A 365 4.19 12.40 10.10
N ARG A 366 3.32 12.08 11.03
CA ARG A 366 3.07 10.72 11.49
C ARG A 366 2.20 9.83 10.62
N ILE A 367 1.18 10.44 10.02
CA ILE A 367 0.23 9.76 9.18
C ILE A 367 0.87 9.27 7.89
N GLU A 368 0.44 8.09 7.46
CA GLU A 368 0.93 7.46 6.23
C GLU A 368 0.17 8.06 5.05
N ALA A 369 0.77 9.05 4.39
CA ALA A 369 0.08 9.74 3.30
C ALA A 369 -0.64 8.82 2.34
N LYS A 370 0.03 7.75 1.92
CA LYS A 370 -0.58 6.84 0.95
C LYS A 370 -1.94 6.32 1.36
N SER A 371 -2.11 6.04 2.66
CA SER A 371 -3.37 5.52 3.14
C SER A 371 -4.56 6.41 2.89
N LEU A 372 -4.38 7.72 2.71
CA LEU A 372 -5.59 8.54 2.44
C LEU A 372 -6.41 8.10 1.20
N ASP A 373 -5.85 7.25 0.36
CA ASP A 373 -6.65 6.78 -0.77
C ASP A 373 -7.87 6.08 -0.18
N GLN A 374 -7.71 5.51 1.00
CA GLN A 374 -8.84 4.83 1.64
C GLN A 374 -10.04 5.76 1.87
N LEU A 375 -9.77 7.02 2.25
CA LEU A 375 -10.83 7.97 2.55
C LEU A 375 -11.82 8.21 1.44
N LEU A 376 -11.46 7.88 0.21
CA LEU A 376 -12.37 8.12 -0.91
C LEU A 376 -12.92 6.88 -1.54
N HIS A 377 -12.68 5.75 -0.86
CA HIS A 377 -13.18 4.48 -1.33
C HIS A 377 -14.68 4.66 -1.37
N PRO A 378 -15.31 4.26 -2.47
CA PRO A 378 -16.76 4.47 -2.38
C PRO A 378 -17.32 3.70 -1.18
N THR A 379 -18.29 4.28 -0.49
CA THR A 379 -18.97 3.62 0.63
C THR A 379 -20.32 3.18 0.08
N PHE A 380 -21.04 2.35 0.81
CA PHE A 380 -22.32 1.86 0.33
C PHE A 380 -23.42 2.93 0.20
N ASN A 381 -24.42 2.62 -0.64
CA ASN A 381 -25.55 3.53 -0.80
C ASN A 381 -26.63 3.07 0.18
N PRO A 382 -26.85 3.85 1.25
CA PRO A 382 -27.85 3.51 2.27
C PRO A 382 -29.09 2.74 1.80
N ALA A 383 -29.80 3.26 0.79
CA ALA A 383 -30.98 2.57 0.28
C ALA A 383 -30.62 1.14 -0.09
N ALA A 384 -29.62 1.00 -0.96
CA ALA A 384 -29.15 -0.30 -1.44
C ALA A 384 -28.80 -1.28 -0.31
N LEU A 385 -28.05 -0.80 0.68
CA LEU A 385 -27.64 -1.60 1.80
C LEU A 385 -28.86 -2.03 2.59
N LYS A 386 -29.77 -1.08 2.79
CA LYS A 386 -31.02 -1.33 3.51
C LYS A 386 -31.82 -2.46 2.85
N ALA A 387 -31.96 -2.43 1.53
CA ALA A 387 -32.70 -3.49 0.83
C ALA A 387 -31.83 -4.74 0.65
N GLY A 388 -30.57 -4.63 1.06
CA GLY A 388 -29.64 -5.74 0.94
C GLY A 388 -29.99 -6.94 1.78
N GLU A 389 -29.83 -8.12 1.19
CA GLU A 389 -30.15 -9.39 1.84
C GLU A 389 -29.05 -9.91 2.78
N VAL A 390 -28.96 -9.34 4.00
CA VAL A 390 -27.98 -9.82 4.97
C VAL A 390 -28.10 -11.33 5.05
N ILE A 391 -27.00 -12.05 4.84
CA ILE A 391 -27.06 -13.52 4.91
C ILE A 391 -26.21 -14.08 6.06
N GLY A 392 -25.49 -13.18 6.74
CA GLY A 392 -24.62 -13.58 7.83
C GLY A 392 -23.94 -12.38 8.48
N SER A 393 -23.27 -12.61 9.59
CA SER A 393 -22.62 -11.51 10.30
C SER A 393 -21.37 -12.00 11.03
N ALA A 394 -20.44 -11.08 11.35
CA ALA A 394 -19.23 -11.41 12.07
C ALA A 394 -18.46 -10.16 12.51
N LEU A 395 -17.18 -10.34 12.81
CA LEU A 395 -16.36 -9.23 13.26
C LEU A 395 -15.97 -8.23 12.18
N PRO A 396 -16.26 -6.95 12.40
CA PRO A 396 -15.88 -5.94 11.40
C PRO A 396 -14.39 -5.64 11.72
N ALA A 397 -13.47 -6.36 11.09
CA ALA A 397 -12.00 -6.22 11.31
C ALA A 397 -11.34 -5.01 10.69
N SER A 398 -11.78 -4.73 9.49
CA SER A 398 -11.24 -3.63 8.75
C SER A 398 -12.43 -3.04 7.99
N PRO A 399 -12.62 -1.72 8.09
CA PRO A 399 -13.68 -0.92 7.47
C PRO A 399 -13.69 -0.80 5.96
N GLY A 400 -14.87 -0.55 5.41
CA GLY A 400 -14.99 -0.39 3.97
C GLY A 400 -16.08 -1.23 3.32
N ALA A 401 -16.61 -0.70 2.20
CA ALA A 401 -17.65 -1.37 1.44
C ALA A 401 -16.96 -2.21 0.37
N ALA A 402 -17.11 -3.51 0.44
CA ALA A 402 -16.51 -4.37 -0.57
C ALA A 402 -17.64 -5.10 -1.23
N ALA A 403 -17.51 -5.28 -2.53
CA ALA A 403 -18.52 -5.98 -3.31
C ALA A 403 -17.74 -6.58 -4.45
N GLY A 404 -17.86 -7.89 -4.63
CA GLY A 404 -17.14 -8.50 -5.70
C GLY A 404 -17.47 -9.96 -5.82
N LYS A 405 -16.81 -10.63 -6.75
CA LYS A 405 -17.01 -12.05 -7.00
C LYS A 405 -16.13 -12.86 -6.06
N VAL A 406 -16.64 -13.96 -5.52
CA VAL A 406 -15.88 -14.76 -4.57
C VAL A 406 -14.95 -15.81 -5.13
N TYR A 407 -13.79 -15.92 -4.48
CA TYR A 407 -12.75 -16.89 -4.82
C TYR A 407 -12.24 -17.54 -3.55
N PHE A 408 -11.72 -18.75 -3.70
CA PHE A 408 -11.24 -19.51 -2.54
C PHE A 408 -9.75 -19.72 -2.33
N THR A 409 -8.92 -19.07 -3.14
CA THR A 409 -7.48 -19.16 -2.95
C THR A 409 -6.97 -17.81 -3.42
N ALA A 410 -5.94 -17.27 -2.76
CA ALA A 410 -5.38 -15.98 -3.15
C ALA A 410 -5.03 -15.92 -4.64
N ASP A 411 -4.38 -16.96 -5.16
CA ASP A 411 -4.02 -17.03 -6.58
C ASP A 411 -5.25 -16.93 -7.50
N GLU A 412 -6.33 -17.61 -7.16
CA GLU A 412 -7.49 -17.52 -8.02
C GLU A 412 -8.06 -16.11 -7.95
N ALA A 413 -7.98 -15.49 -6.78
CA ALA A 413 -8.51 -14.15 -6.62
C ALA A 413 -7.64 -13.12 -7.30
N LYS A 414 -6.31 -13.26 -7.16
CA LYS A 414 -5.40 -12.33 -7.81
C LYS A 414 -5.60 -12.38 -9.32
N ALA A 415 -5.63 -13.59 -9.87
CA ALA A 415 -5.84 -13.80 -11.31
C ALA A 415 -7.16 -13.19 -11.78
N ALA A 416 -8.25 -13.59 -11.16
CA ALA A 416 -9.56 -13.08 -11.52
C ALA A 416 -9.54 -11.56 -11.56
N HIS A 417 -8.81 -10.97 -10.63
CA HIS A 417 -8.73 -9.53 -10.56
C HIS A 417 -7.97 -8.96 -11.75
N GLU A 418 -6.96 -9.68 -12.22
CA GLU A 418 -6.18 -9.24 -13.37
C GLU A 418 -7.14 -9.06 -14.54
N LYS A 419 -8.05 -10.02 -14.68
CA LYS A 419 -9.04 -9.99 -15.74
C LYS A 419 -10.10 -8.95 -15.47
N GLY A 420 -9.79 -8.00 -14.60
CA GLY A 420 -10.74 -6.93 -14.31
C GLY A 420 -11.96 -7.23 -13.46
N GLU A 421 -11.96 -8.31 -12.67
CA GLU A 421 -13.10 -8.63 -11.82
C GLU A 421 -12.90 -8.09 -10.42
N ARG A 422 -13.97 -7.58 -9.81
CA ARG A 422 -13.88 -7.11 -8.43
C ARG A 422 -13.93 -8.45 -7.72
N VAL A 423 -13.11 -8.63 -6.70
CA VAL A 423 -13.05 -9.92 -6.04
C VAL A 423 -13.27 -9.93 -4.53
N ILE A 424 -13.70 -11.08 -4.03
CA ILE A 424 -13.90 -11.28 -2.61
C ILE A 424 -13.24 -12.59 -2.22
N LEU A 425 -12.19 -12.48 -1.41
CA LEU A 425 -11.48 -13.66 -0.93
C LEU A 425 -12.18 -14.19 0.31
N VAL A 426 -12.59 -15.45 0.24
CA VAL A 426 -13.26 -16.16 1.31
C VAL A 426 -12.31 -17.31 1.68
N ARG A 427 -11.84 -17.30 2.92
CA ARG A 427 -10.91 -18.31 3.40
C ARG A 427 -11.25 -18.73 4.81
N LEU A 428 -10.72 -19.88 5.20
CA LEU A 428 -10.92 -20.36 6.56
C LEU A 428 -10.27 -19.26 7.41
N GLU A 429 -9.06 -18.86 6.99
CA GLU A 429 -8.24 -17.78 7.59
C GLU A 429 -7.18 -17.55 6.51
N THR A 430 -6.47 -16.44 6.60
CA THR A 430 -5.40 -16.15 5.64
C THR A 430 -4.04 -16.36 6.31
N SER A 431 -2.99 -16.40 5.47
CA SER A 431 -1.60 -16.59 5.87
C SER A 431 -0.69 -15.73 4.98
N PRO A 432 0.58 -15.53 5.37
CA PRO A 432 1.52 -14.72 4.58
C PRO A 432 1.51 -15.00 3.08
N GLU A 433 1.34 -16.26 2.72
CA GLU A 433 1.28 -16.74 1.34
C GLU A 433 0.09 -16.19 0.55
N ASP A 434 -0.98 -15.78 1.23
CA ASP A 434 -2.15 -15.21 0.52
C ASP A 434 -2.05 -13.69 0.30
N ILE A 435 -0.98 -13.09 0.78
CA ILE A 435 -0.80 -11.65 0.66
C ILE A 435 -1.17 -10.93 -0.66
N GLU A 436 -0.64 -11.38 -1.79
CA GLU A 436 -0.94 -10.75 -3.09
C GLU A 436 -2.39 -10.85 -3.46
N GLY A 437 -2.98 -12.01 -3.23
CA GLY A 437 -4.38 -12.17 -3.54
C GLY A 437 -5.19 -11.31 -2.60
N MET A 438 -4.71 -11.11 -1.38
CA MET A 438 -5.44 -10.29 -0.41
C MET A 438 -5.38 -8.85 -0.90
N HIS A 439 -4.27 -8.55 -1.56
CA HIS A 439 -4.02 -7.24 -2.12
C HIS A 439 -4.88 -7.03 -3.38
N ALA A 440 -5.29 -8.13 -4.00
CA ALA A 440 -6.13 -8.02 -5.18
C ALA A 440 -7.64 -7.93 -4.87
N ALA A 441 -8.04 -8.37 -3.69
CA ALA A 441 -9.45 -8.39 -3.33
C ALA A 441 -10.09 -7.10 -2.83
N GLU A 442 -11.39 -6.94 -3.11
CA GLU A 442 -12.16 -5.78 -2.67
C GLU A 442 -12.27 -5.90 -1.18
N GLY A 443 -12.55 -7.14 -0.78
CA GLY A 443 -12.72 -7.49 0.62
C GLY A 443 -12.34 -8.91 0.97
N ILE A 444 -12.25 -9.16 2.26
CA ILE A 444 -11.84 -10.45 2.74
C ILE A 444 -12.83 -10.96 3.77
N LEU A 445 -13.24 -12.19 3.56
CA LEU A 445 -14.20 -12.81 4.45
C LEU A 445 -13.59 -14.09 4.97
N THR A 446 -13.42 -14.18 6.29
CA THR A 446 -12.85 -15.38 6.86
C THR A 446 -13.77 -16.11 7.81
N VAL A 447 -13.58 -17.41 7.89
CA VAL A 447 -14.40 -18.26 8.73
C VAL A 447 -14.01 -18.14 10.18
N ARG A 448 -12.73 -18.27 10.49
CA ARG A 448 -12.34 -18.13 11.89
C ARG A 448 -11.33 -17.01 12.10
N GLY A 449 -11.20 -16.55 13.32
CA GLY A 449 -10.23 -15.52 13.60
C GLY A 449 -10.87 -14.20 13.91
N GLY A 450 -10.34 -13.48 14.87
CA GLY A 450 -10.92 -12.20 15.20
C GLY A 450 -10.17 -10.96 14.83
N MET A 451 -10.34 -9.92 15.64
CA MET A 451 -9.74 -8.60 15.41
C MET A 451 -8.25 -8.59 15.23
N THR A 452 -7.60 -9.66 15.67
CA THR A 452 -6.19 -9.70 15.53
C THR A 452 -5.74 -10.93 14.75
N SER A 453 -6.66 -11.48 13.92
CA SER A 453 -6.29 -12.62 13.10
C SER A 453 -5.46 -12.06 11.94
N HIS A 454 -4.85 -12.95 11.17
CA HIS A 454 -4.01 -12.51 10.09
C HIS A 454 -4.74 -11.55 9.11
N ALA A 455 -5.91 -11.98 8.62
CA ALA A 455 -6.71 -11.24 7.68
C ALA A 455 -7.10 -9.87 8.19
N ALA A 456 -7.42 -9.81 9.48
CA ALA A 456 -7.82 -8.56 10.09
C ALA A 456 -6.68 -7.61 10.08
N VAL A 457 -5.54 -8.02 10.59
CA VAL A 457 -4.47 -7.09 10.68
C VAL A 457 -3.90 -6.73 9.31
N VAL A 458 -3.75 -7.69 8.42
CA VAL A 458 -3.16 -7.38 7.12
C VAL A 458 -4.06 -6.46 6.32
N ALA A 459 -5.37 -6.57 6.55
CA ALA A 459 -6.33 -5.77 5.81
C ALA A 459 -6.39 -4.37 6.35
N ARG A 460 -6.43 -4.21 7.66
CA ARG A 460 -6.35 -2.84 8.21
C ARG A 460 -5.14 -2.21 7.47
N GLY A 461 -4.05 -2.96 7.37
CA GLY A 461 -2.86 -2.45 6.69
C GLY A 461 -3.05 -2.03 5.26
N MET A 462 -3.72 -2.86 4.46
CA MET A 462 -3.96 -2.54 3.08
C MET A 462 -5.09 -1.52 2.92
N GLY A 463 -5.92 -1.33 3.93
CA GLY A 463 -7.01 -0.38 3.79
C GLY A 463 -8.13 -1.12 3.07
N THR A 464 -8.20 -2.43 3.27
CA THR A 464 -9.18 -3.28 2.63
C THR A 464 -10.18 -3.88 3.59
N CYS A 465 -11.46 -3.79 3.23
CA CYS A 465 -12.58 -4.37 3.98
C CYS A 465 -12.34 -5.85 4.34
N CYS A 466 -12.73 -6.20 5.56
CA CYS A 466 -12.62 -7.55 6.09
C CYS A 466 -13.60 -7.81 7.22
N VAL A 467 -14.35 -8.89 7.06
CA VAL A 467 -15.27 -9.33 8.09
C VAL A 467 -14.65 -10.68 8.44
N SER A 468 -14.29 -10.87 9.71
CA SER A 468 -13.68 -12.13 10.05
C SER A 468 -14.31 -12.84 11.22
N GLY A 469 -14.10 -14.15 11.23
CA GLY A 469 -14.61 -15.00 12.29
C GLY A 469 -16.04 -15.44 12.09
N CYS A 470 -16.56 -15.34 10.86
CA CYS A 470 -17.92 -15.75 10.61
C CYS A 470 -18.01 -17.28 10.68
N GLY A 471 -18.11 -17.79 11.91
CA GLY A 471 -18.18 -19.22 12.11
C GLY A 471 -19.32 -19.96 11.44
N GLU A 472 -20.32 -19.23 10.96
CA GLU A 472 -21.50 -19.81 10.30
C GLU A 472 -21.12 -20.40 8.93
N ILE A 473 -20.00 -19.95 8.39
CA ILE A 473 -19.58 -20.40 7.08
C ILE A 473 -19.01 -21.80 7.05
N LYS A 474 -19.31 -22.50 5.96
CA LYS A 474 -18.85 -23.85 5.69
C LYS A 474 -18.20 -23.81 4.32
N ILE A 475 -16.88 -23.72 4.30
CA ILE A 475 -16.14 -23.65 3.05
C ILE A 475 -15.95 -25.02 2.47
N ASN A 476 -16.02 -25.07 1.15
CA ASN A 476 -15.80 -26.30 0.40
C ASN A 476 -14.66 -25.99 -0.55
N GLU A 477 -13.43 -26.09 -0.03
CA GLU A 477 -12.23 -25.83 -0.83
C GLU A 477 -12.26 -26.75 -2.05
N GLU A 478 -12.58 -28.01 -1.84
CA GLU A 478 -12.64 -29.02 -2.90
C GLU A 478 -13.58 -28.66 -4.05
N ALA A 479 -14.75 -28.11 -3.74
CA ALA A 479 -15.72 -27.75 -4.76
C ALA A 479 -15.77 -26.26 -5.05
N LYS A 480 -15.02 -25.49 -4.29
CA LYS A 480 -15.01 -24.04 -4.48
C LYS A 480 -16.40 -23.48 -4.23
N THR A 481 -16.92 -23.71 -3.03
CA THR A 481 -18.24 -23.21 -2.64
C THR A 481 -18.29 -23.06 -1.12
N PHE A 482 -19.28 -22.32 -0.65
CA PHE A 482 -19.47 -22.18 0.79
C PHE A 482 -20.94 -21.94 1.10
N GLU A 483 -21.39 -22.51 2.20
CA GLU A 483 -22.77 -22.38 2.66
C GLU A 483 -22.92 -21.35 3.78
N LEU A 484 -23.74 -20.33 3.57
CA LEU A 484 -24.00 -19.34 4.60
C LEU A 484 -25.47 -18.96 4.56
N GLY A 485 -26.08 -18.88 5.74
CA GLY A 485 -27.49 -18.53 5.84
C GLY A 485 -28.35 -19.27 4.83
N GLY A 486 -28.93 -18.50 3.91
CA GLY A 486 -29.80 -19.04 2.87
C GLY A 486 -29.21 -19.93 1.79
N HIS A 487 -27.99 -19.66 1.32
CA HIS A 487 -27.49 -20.56 0.28
C HIS A 487 -26.04 -21.00 0.23
N THR A 488 -25.78 -21.73 -0.85
CA THR A 488 -24.48 -22.30 -1.15
C THR A 488 -23.90 -21.39 -2.21
N PHE A 489 -22.78 -20.75 -1.91
CA PHE A 489 -22.15 -19.87 -2.89
C PHE A 489 -21.04 -20.56 -3.67
N ALA A 490 -21.09 -20.39 -4.98
CA ALA A 490 -20.11 -20.97 -5.87
C ALA A 490 -19.16 -19.87 -6.35
N GLU A 491 -17.95 -20.28 -6.74
CA GLU A 491 -16.97 -19.33 -7.23
C GLU A 491 -17.63 -18.33 -8.17
N GLY A 492 -17.13 -17.10 -8.18
CA GLY A 492 -17.68 -16.09 -9.05
C GLY A 492 -18.89 -15.34 -8.52
N ASP A 493 -19.74 -16.00 -7.74
CA ASP A 493 -20.93 -15.34 -7.19
C ASP A 493 -20.62 -14.07 -6.45
N TYR A 494 -21.44 -13.05 -6.65
CA TYR A 494 -21.21 -11.78 -5.95
C TYR A 494 -21.74 -11.84 -4.52
N ILE A 495 -21.11 -11.07 -3.63
CA ILE A 495 -21.50 -10.93 -2.23
C ILE A 495 -20.84 -9.62 -1.79
N SER A 496 -21.44 -8.91 -0.85
CA SER A 496 -20.85 -7.66 -0.38
C SER A 496 -20.57 -7.77 1.10
N LEU A 497 -19.60 -7.00 1.60
CA LEU A 497 -19.26 -7.04 3.00
C LEU A 497 -19.12 -5.64 3.48
N ASP A 498 -19.56 -5.38 4.70
CA ASP A 498 -19.45 -4.06 5.29
C ASP A 498 -18.51 -4.20 6.49
N GLY A 499 -17.21 -3.97 6.27
CA GLY A 499 -16.24 -4.09 7.34
C GLY A 499 -16.43 -3.11 8.48
N SER A 500 -17.50 -2.32 8.42
CA SER A 500 -17.79 -1.36 9.47
C SER A 500 -18.80 -1.93 10.45
N THR A 501 -19.71 -2.75 9.92
CA THR A 501 -20.74 -3.39 10.74
C THR A 501 -20.55 -4.91 10.84
N GLY A 502 -19.68 -5.44 9.98
CA GLY A 502 -19.43 -6.86 9.98
C GLY A 502 -20.52 -7.64 9.23
N LYS A 503 -21.42 -6.94 8.55
CA LYS A 503 -22.49 -7.62 7.84
C LYS A 503 -22.18 -8.15 6.45
N ILE A 504 -22.63 -9.35 6.15
CA ILE A 504 -22.40 -10.01 4.86
C ILE A 504 -23.68 -10.09 4.02
N TYR A 505 -23.58 -9.72 2.76
CA TYR A 505 -24.72 -9.67 1.85
C TYR A 505 -24.64 -10.54 0.61
N LYS A 506 -25.79 -11.04 0.20
CA LYS A 506 -25.90 -11.84 -1.01
C LYS A 506 -25.89 -10.79 -2.13
N GLY A 507 -25.17 -11.06 -3.21
CA GLY A 507 -25.14 -10.10 -4.31
C GLY A 507 -24.21 -8.90 -4.25
N ASP A 508 -24.37 -8.03 -5.24
CA ASP A 508 -23.54 -6.85 -5.42
C ASP A 508 -24.25 -5.55 -5.04
N ILE A 509 -23.99 -5.09 -3.81
CA ILE A 509 -24.61 -3.85 -3.31
C ILE A 509 -24.03 -2.57 -3.89
N GLU A 510 -24.91 -1.63 -4.25
CA GLU A 510 -24.51 -0.35 -4.83
C GLU A 510 -23.83 0.58 -3.82
N THR A 511 -22.80 1.27 -4.31
CA THR A 511 -22.01 2.19 -3.51
C THR A 511 -21.99 3.59 -4.17
N GLN A 512 -21.56 4.62 -3.45
CA GLN A 512 -21.51 6.00 -3.97
C GLN A 512 -20.22 6.67 -3.48
N GLU A 513 -20.07 8.00 -3.60
CA GLU A 513 -18.82 8.63 -3.13
C GLU A 513 -18.67 8.93 -1.65
N ALA A 514 -17.54 8.55 -1.09
CA ALA A 514 -17.32 8.81 0.33
C ALA A 514 -17.42 10.31 0.58
N SER A 515 -17.56 10.67 1.85
CA SER A 515 -17.66 12.03 2.29
C SER A 515 -16.28 12.33 2.88
N VAL A 516 -16.19 13.04 4.00
CA VAL A 516 -14.87 13.32 4.57
C VAL A 516 -14.86 13.69 6.05
N SER A 517 -14.20 12.84 6.81
CA SER A 517 -14.09 13.04 8.23
C SER A 517 -13.46 14.33 8.67
N GLY A 518 -14.08 14.94 9.68
CA GLY A 518 -13.48 16.11 10.25
C GLY A 518 -12.22 15.40 10.74
N SER A 519 -11.19 16.16 11.10
CA SER A 519 -9.92 15.58 11.51
C SER A 519 -9.23 15.28 10.17
N PHE A 520 -10.03 15.05 9.12
CA PHE A 520 -9.42 14.93 7.76
C PHE A 520 -9.20 16.42 7.42
N GLU A 521 -10.29 17.17 7.47
CA GLU A 521 -10.28 18.61 7.18
C GLU A 521 -9.32 19.30 8.11
N ARG A 522 -9.10 18.69 9.28
CA ARG A 522 -8.24 19.29 10.28
C ARG A 522 -6.79 19.06 10.02
N ILE A 523 -6.49 17.84 9.56
CA ILE A 523 -5.10 17.49 9.26
C ILE A 523 -4.74 18.29 8.00
N MET A 524 -5.70 18.32 7.06
CA MET A 524 -5.52 19.11 5.84
C MET A 524 -5.20 20.59 6.19
N VAL A 525 -5.86 21.17 7.18
CA VAL A 525 -5.59 22.58 7.51
C VAL A 525 -4.22 22.68 8.11
N TRP A 526 -3.79 21.60 8.77
CA TRP A 526 -2.46 21.58 9.36
C TRP A 526 -1.47 21.29 8.23
N ALA A 527 -1.85 20.39 7.32
CA ALA A 527 -1.02 20.04 6.17
C ALA A 527 -0.78 21.34 5.35
N ASP A 528 -1.86 21.96 4.85
CA ASP A 528 -1.72 23.20 4.08
C ASP A 528 -0.85 24.19 4.86
N LYS A 529 -1.02 24.25 6.16
CA LYS A 529 -0.22 25.15 6.97
C LYS A 529 1.29 24.99 6.84
N PHE A 530 1.81 23.76 6.80
CA PHE A 530 3.27 23.62 6.69
C PHE A 530 3.81 23.37 5.28
N ARG A 531 2.95 22.89 4.38
CA ARG A 531 3.40 22.60 3.02
C ARG A 531 3.74 23.86 2.24
N THR A 532 4.80 23.79 1.42
CA THR A 532 5.13 24.92 0.56
C THR A 532 4.71 24.63 -0.90
N LEU A 533 4.70 23.36 -1.31
CA LEU A 533 4.25 23.00 -2.65
C LEU A 533 2.81 23.33 -2.76
N LYS A 534 2.38 23.73 -3.93
CA LYS A 534 0.96 23.95 -4.12
C LYS A 534 0.54 22.61 -4.70
N VAL A 535 -0.76 22.34 -4.72
CA VAL A 535 -1.23 21.09 -5.25
C VAL A 535 -2.28 21.41 -6.30
N ARG A 536 -2.10 20.91 -7.51
CA ARG A 536 -3.03 21.19 -8.59
C ARG A 536 -3.62 19.85 -8.99
N THR A 537 -4.59 19.84 -9.89
CA THR A 537 -5.16 18.55 -10.24
C THR A 537 -5.11 18.19 -11.73
N ASN A 538 -5.07 16.90 -12.03
CA ASN A 538 -5.15 16.45 -13.40
C ASN A 538 -6.65 16.32 -13.61
N ALA A 539 -7.24 17.30 -14.29
CA ALA A 539 -8.67 17.29 -14.50
C ALA A 539 -9.03 17.76 -15.89
N ASP A 540 -9.77 16.94 -16.63
CA ASP A 540 -10.18 17.26 -17.98
C ASP A 540 -11.60 17.82 -18.12
N THR A 541 -12.37 17.81 -17.02
CA THR A 541 -13.77 18.28 -17.04
C THR A 541 -14.18 19.11 -15.81
N PRO A 542 -15.27 19.88 -15.95
CA PRO A 542 -15.84 20.74 -14.91
C PRO A 542 -16.05 19.95 -13.61
N GLU A 543 -16.68 18.79 -13.76
CA GLU A 543 -16.98 17.90 -12.66
C GLU A 543 -15.77 17.39 -11.91
N ASP A 544 -14.71 17.03 -12.61
CA ASP A 544 -13.51 16.54 -11.93
C ASP A 544 -12.83 17.69 -11.25
N THR A 545 -12.99 18.87 -11.82
CA THR A 545 -12.38 20.06 -11.29
C THR A 545 -12.97 20.42 -9.93
N LEU A 546 -14.29 20.41 -9.86
CA LEU A 546 -14.98 20.74 -8.61
C LEU A 546 -14.55 19.74 -7.53
N ASN A 547 -14.75 18.45 -7.78
CA ASN A 547 -14.35 17.44 -6.77
C ASN A 547 -12.93 17.71 -6.29
N ALA A 548 -12.04 18.01 -7.25
CA ALA A 548 -10.65 18.25 -6.98
C ALA A 548 -10.44 19.52 -6.14
N VAL A 549 -11.16 20.60 -6.48
CA VAL A 549 -11.02 21.83 -5.72
C VAL A 549 -11.62 21.56 -4.33
N LYS A 550 -12.69 20.79 -4.37
CA LYS A 550 -13.42 20.38 -3.19
C LYS A 550 -12.50 19.64 -2.22
N LEU A 551 -11.38 19.08 -2.72
CA LEU A 551 -10.43 18.36 -1.87
C LEU A 551 -9.14 19.13 -1.58
N GLY A 552 -9.08 20.36 -2.07
CA GLY A 552 -7.91 21.19 -1.83
C GLY A 552 -7.08 21.51 -3.07
N ALA A 553 -7.53 21.06 -4.24
CA ALA A 553 -6.78 21.33 -5.50
C ALA A 553 -6.79 22.85 -5.62
N GLU A 554 -5.64 23.43 -5.89
CA GLU A 554 -5.58 24.87 -6.01
C GLU A 554 -5.64 25.30 -7.50
N GLY A 555 -6.05 24.38 -8.35
CA GLY A 555 -6.15 24.69 -9.76
C GLY A 555 -5.87 23.48 -10.63
N ILE A 556 -5.43 23.71 -11.86
CA ILE A 556 -5.17 22.58 -12.74
C ILE A 556 -3.83 22.51 -13.39
N GLY A 557 -3.12 21.42 -13.10
CA GLY A 557 -1.79 21.18 -13.67
C GLY A 557 -1.79 20.40 -14.98
N LEU A 558 -2.94 19.87 -15.36
CA LEU A 558 -3.02 19.20 -16.64
C LEU A 558 -4.47 19.01 -17.04
N CYS A 559 -4.85 19.70 -18.11
CA CYS A 559 -6.16 19.60 -18.72
C CYS A 559 -5.87 18.93 -20.12
N ARG A 560 -6.06 17.64 -20.27
CA ARG A 560 -5.77 17.06 -21.57
C ARG A 560 -6.78 17.60 -22.55
N THR A 561 -6.39 17.70 -23.80
CA THR A 561 -7.31 18.19 -24.81
C THR A 561 -7.75 17.16 -25.84
N GLU A 562 -7.30 15.92 -25.74
CA GLU A 562 -7.67 14.90 -26.72
C GLU A 562 -9.17 14.65 -26.87
N HIS A 563 -9.90 14.55 -25.75
CA HIS A 563 -11.33 14.28 -25.80
C HIS A 563 -12.08 15.33 -26.60
N MET A 564 -11.55 16.55 -26.65
CA MET A 564 -12.20 17.60 -27.41
C MET A 564 -12.14 17.30 -28.89
N PHE A 565 -11.32 16.31 -29.28
CA PHE A 565 -11.14 15.90 -30.69
C PHE A 565 -11.72 14.47 -30.94
N PHE A 566 -11.69 13.63 -29.91
CA PHE A 566 -12.17 12.27 -30.01
C PHE A 566 -13.68 12.11 -29.88
N GLU A 567 -14.33 12.97 -29.08
CA GLU A 567 -15.77 12.88 -28.87
C GLU A 567 -16.63 12.82 -30.14
N ALA A 568 -17.73 12.10 -30.04
CA ALA A 568 -18.64 11.91 -31.17
C ALA A 568 -18.91 13.12 -32.04
N ASP A 569 -19.20 14.27 -31.44
CA ASP A 569 -19.48 15.43 -32.27
C ASP A 569 -18.23 16.15 -32.71
N ARG A 570 -17.06 15.57 -32.38
CA ARG A 570 -15.81 16.18 -32.80
C ARG A 570 -15.03 15.39 -33.86
N ILE A 571 -14.88 14.08 -33.65
CA ILE A 571 -14.09 13.19 -34.50
C ILE A 571 -14.07 13.42 -36.01
N MET A 572 -15.23 13.71 -36.61
CA MET A 572 -15.28 13.96 -38.05
C MET A 572 -14.52 15.22 -38.47
N LYS A 573 -14.44 16.22 -37.59
CA LYS A 573 -13.72 17.44 -37.94
C LYS A 573 -12.26 17.10 -38.15
N ILE A 574 -11.68 16.37 -37.20
CA ILE A 574 -10.28 15.98 -37.30
C ILE A 574 -10.07 14.95 -38.45
N ARG A 575 -11.03 14.06 -38.67
CA ARG A 575 -10.91 13.06 -39.77
C ARG A 575 -10.89 13.80 -41.07
N LYS A 576 -11.78 14.78 -41.20
CA LYS A 576 -11.83 15.58 -42.41
C LYS A 576 -10.49 16.30 -42.51
N MET A 577 -10.04 16.91 -41.43
CA MET A 577 -8.74 17.55 -41.50
C MET A 577 -7.68 16.55 -41.90
N ILE A 578 -7.66 15.39 -41.27
CA ILE A 578 -6.66 14.38 -41.64
C ILE A 578 -6.66 14.02 -43.15
N LEU A 579 -7.86 13.83 -43.73
CA LEU A 579 -7.99 13.45 -45.16
C LEU A 579 -7.97 14.57 -46.20
N SER A 580 -7.72 15.82 -45.78
CA SER A 580 -7.65 16.96 -46.68
C SER A 580 -6.26 16.96 -47.32
N ASP A 581 -6.10 17.75 -48.38
CA ASP A 581 -4.82 17.81 -49.10
C ASP A 581 -4.33 19.24 -49.20
N SER A 582 -4.99 20.11 -48.47
CA SER A 582 -4.64 21.50 -48.52
C SER A 582 -4.42 22.09 -47.13
N VAL A 583 -3.45 22.99 -46.99
CA VAL A 583 -3.28 23.62 -45.69
C VAL A 583 -4.55 24.43 -45.44
N GLU A 584 -5.22 24.87 -46.52
CA GLU A 584 -6.45 25.64 -46.35
C GLU A 584 -7.60 24.74 -45.93
N ALA A 585 -7.60 23.53 -46.47
CA ALA A 585 -8.65 22.58 -46.14
C ALA A 585 -8.42 22.04 -44.72
N ARG A 586 -7.16 22.01 -44.31
CA ARG A 586 -6.84 21.54 -42.97
C ARG A 586 -7.37 22.61 -41.99
N GLU A 587 -7.16 23.86 -42.34
CA GLU A 587 -7.65 24.97 -41.52
C GLU A 587 -9.18 25.03 -41.38
N GLU A 588 -9.88 24.93 -42.50
CA GLU A 588 -11.33 24.95 -42.46
C GLU A 588 -11.87 23.78 -41.67
N ALA A 589 -11.24 22.64 -41.83
CA ALA A 589 -11.70 21.48 -41.08
C ALA A 589 -11.51 21.81 -39.59
N LEU A 590 -10.28 22.13 -39.24
CA LEU A 590 -9.94 22.47 -37.86
C LEU A 590 -10.85 23.53 -37.29
N ASN A 591 -10.98 24.62 -38.03
CA ASN A 591 -11.78 25.70 -37.55
C ASN A 591 -13.22 25.34 -37.20
N GLU A 592 -13.76 24.26 -37.78
CA GLU A 592 -15.12 23.87 -37.43
C GLU A 592 -15.15 23.45 -35.98
N LEU A 593 -14.00 23.04 -35.45
CA LEU A 593 -13.94 22.61 -34.07
C LEU A 593 -14.00 23.73 -33.06
N ILE A 594 -13.59 24.95 -33.43
CA ILE A 594 -13.56 26.04 -32.48
C ILE A 594 -14.81 26.29 -31.63
N PRO A 595 -16.01 26.23 -32.22
CA PRO A 595 -17.12 26.49 -31.30
C PRO A 595 -17.27 25.44 -30.19
N PHE A 596 -17.04 24.17 -30.54
CA PHE A 596 -17.17 23.10 -29.56
C PHE A 596 -16.11 23.12 -28.47
N GLN A 597 -14.89 23.45 -28.86
CA GLN A 597 -13.78 23.44 -27.92
C GLN A 597 -13.79 24.70 -27.07
N LYS A 598 -14.09 25.85 -27.69
CA LYS A 598 -14.15 27.08 -26.93
C LYS A 598 -15.21 26.81 -25.84
N GLY A 599 -16.21 26.01 -26.17
CA GLY A 599 -17.27 25.72 -25.22
C GLY A 599 -16.78 24.86 -24.07
N ASP A 600 -15.99 23.85 -24.38
CA ASP A 600 -15.45 23.02 -23.32
C ASP A 600 -14.63 23.92 -22.37
N PHE A 601 -13.76 24.75 -22.94
CA PHE A 601 -12.90 25.63 -22.13
C PHE A 601 -13.61 26.66 -21.26
N LYS A 602 -14.70 27.24 -21.76
CA LYS A 602 -15.49 28.24 -21.04
C LYS A 602 -15.99 27.59 -19.76
N ALA A 603 -16.60 26.44 -19.98
CA ALA A 603 -17.13 25.59 -18.93
C ALA A 603 -16.02 25.25 -17.91
N MET A 604 -14.78 25.11 -18.35
CA MET A 604 -13.70 24.82 -17.40
C MET A 604 -13.32 26.09 -16.61
N TYR A 605 -13.30 27.22 -17.30
CA TYR A 605 -12.97 28.48 -16.69
C TYR A 605 -14.10 28.94 -15.75
N LYS A 606 -15.32 28.50 -16.06
CA LYS A 606 -16.47 28.83 -15.23
C LYS A 606 -16.22 28.07 -13.93
N ALA A 607 -16.09 26.75 -14.04
CA ALA A 607 -15.81 25.94 -12.87
C ALA A 607 -14.55 26.38 -12.11
N LEU A 608 -13.56 26.95 -12.80
CA LEU A 608 -12.31 27.33 -12.14
C LEU A 608 -12.30 28.63 -11.31
N GLU A 609 -13.08 29.60 -11.75
CA GLU A 609 -13.13 30.87 -11.06
C GLU A 609 -11.78 31.47 -10.75
N GLY A 610 -10.87 31.57 -11.73
CA GLY A 610 -9.59 32.20 -11.48
C GLY A 610 -8.42 31.34 -11.08
N ARG A 611 -8.69 30.09 -10.75
CA ARG A 611 -7.60 29.15 -10.39
C ARG A 611 -6.76 28.85 -11.66
N PRO A 612 -5.51 28.47 -11.49
CA PRO A 612 -4.98 28.31 -12.85
C PRO A 612 -5.29 27.02 -13.55
N MET A 613 -4.94 26.97 -14.79
CA MET A 613 -5.13 25.72 -15.50
C MET A 613 -4.16 25.55 -16.62
N THR A 614 -3.25 24.58 -16.44
CA THR A 614 -2.29 24.28 -17.50
C THR A 614 -2.99 23.38 -18.58
N VAL A 615 -3.19 23.96 -19.76
CA VAL A 615 -3.82 23.33 -20.90
C VAL A 615 -2.80 22.70 -21.83
N ARG A 616 -2.86 21.38 -21.93
CA ARG A 616 -2.02 20.65 -22.79
C ARG A 616 -2.45 20.49 -24.20
N TYR A 617 -1.59 20.95 -25.10
CA TYR A 617 -1.92 20.82 -26.50
C TYR A 617 -1.95 19.38 -26.98
N LEU A 618 -2.57 19.20 -28.14
CA LEU A 618 -2.80 17.85 -28.68
C LEU A 618 -1.62 16.91 -28.61
N ASP A 619 -1.79 15.82 -27.87
CA ASP A 619 -0.72 14.85 -27.65
C ASP A 619 -0.53 13.65 -28.59
N PRO A 620 -1.62 12.99 -29.03
CA PRO A 620 -1.42 11.83 -29.91
C PRO A 620 -1.16 11.98 -31.41
N PRO A 621 -0.54 10.97 -32.02
CA PRO A 621 -0.26 11.00 -33.46
C PRO A 621 -1.61 11.00 -34.21
N LEU A 622 -1.58 11.37 -35.50
CA LEU A 622 -2.79 11.42 -36.28
C LEU A 622 -3.48 10.08 -36.47
N HIS A 623 -2.70 9.02 -36.52
CA HIS A 623 -3.24 7.69 -36.70
C HIS A 623 -4.32 7.35 -35.68
N GLU A 624 -4.25 7.97 -34.51
CA GLU A 624 -5.26 7.67 -33.50
C GLU A 624 -6.66 8.16 -33.79
N PHE A 625 -6.79 9.16 -34.65
CA PHE A 625 -8.07 9.73 -34.97
C PHE A 625 -8.84 9.16 -36.18
N VAL A 626 -8.11 8.45 -37.01
CA VAL A 626 -8.65 7.83 -38.23
C VAL A 626 -9.28 6.48 -37.87
N PRO A 627 -10.34 6.08 -38.59
CA PRO A 627 -10.97 4.80 -38.30
C PRO A 627 -10.02 3.59 -38.58
N HIS A 628 -10.07 2.57 -37.72
CA HIS A 628 -9.25 1.40 -37.90
C HIS A 628 -10.08 0.22 -38.41
N THR A 629 -11.40 0.34 -38.26
CA THR A 629 -12.38 -0.65 -38.73
C THR A 629 -12.65 -0.43 -40.22
N GLU A 630 -12.47 -1.45 -41.06
CA GLU A 630 -12.76 -1.28 -42.48
C GLU A 630 -14.13 -0.69 -42.72
N GLU A 631 -15.07 -1.04 -41.86
CA GLU A 631 -16.40 -0.49 -41.98
C GLU A 631 -16.40 1.02 -41.65
N GLU A 632 -15.85 1.36 -40.49
CA GLU A 632 -15.79 2.75 -40.03
C GLU A 632 -15.03 3.60 -41.06
N GLN A 633 -14.04 2.99 -41.70
CA GLN A 633 -13.29 3.68 -42.74
C GLN A 633 -14.17 3.89 -43.94
N ALA A 634 -14.98 2.86 -44.23
CA ALA A 634 -15.95 2.88 -45.32
C ALA A 634 -16.81 4.11 -45.18
N GLU A 635 -17.49 4.22 -44.04
CA GLU A 635 -18.32 5.37 -43.78
C GLU A 635 -17.55 6.70 -43.81
N LEU A 636 -16.28 6.72 -43.40
CA LEU A 636 -15.54 7.98 -43.45
C LEU A 636 -15.40 8.36 -44.91
N ALA A 637 -15.18 7.34 -45.73
CA ALA A 637 -15.03 7.59 -47.15
C ALA A 637 -16.35 8.10 -47.74
N LYS A 638 -17.46 7.51 -47.30
CA LYS A 638 -18.76 7.93 -47.83
C LYS A 638 -19.07 9.38 -47.44
N ASN A 639 -18.65 9.76 -46.23
CA ASN A 639 -18.90 11.11 -45.76
C ASN A 639 -18.03 12.13 -46.46
N MET A 640 -16.84 11.73 -46.84
CA MET A 640 -15.97 12.67 -47.50
C MET A 640 -15.82 12.45 -48.98
N GLY A 641 -16.81 11.77 -49.57
CA GLY A 641 -16.80 11.50 -50.99
C GLY A 641 -15.48 10.97 -51.50
N LEU A 642 -14.93 9.98 -50.79
CA LEU A 642 -13.66 9.39 -51.19
C LEU A 642 -13.92 7.90 -51.36
N THR A 643 -12.94 7.19 -51.91
CA THR A 643 -13.05 5.74 -52.07
C THR A 643 -12.50 5.11 -50.79
N LEU A 644 -13.04 3.97 -50.41
CA LEU A 644 -12.60 3.30 -49.21
C LEU A 644 -11.10 3.08 -49.27
N ALA A 645 -10.61 2.79 -50.45
CA ALA A 645 -9.19 2.55 -50.65
C ALA A 645 -8.36 3.79 -50.34
N GLU A 646 -8.89 4.97 -50.66
CA GLU A 646 -8.18 6.23 -50.46
C GLU A 646 -8.03 6.51 -48.99
N VAL A 647 -9.06 6.16 -48.24
CA VAL A 647 -9.02 6.37 -46.81
C VAL A 647 -8.03 5.39 -46.25
N LYS A 648 -8.08 4.18 -46.77
CA LYS A 648 -7.21 3.12 -46.29
C LYS A 648 -5.77 3.49 -46.50
N ALA A 649 -5.48 4.15 -47.62
CA ALA A 649 -4.11 4.54 -47.93
C ALA A 649 -3.62 5.70 -47.07
N LYS A 650 -4.56 6.41 -46.46
CA LYS A 650 -4.23 7.51 -45.58
C LYS A 650 -3.96 6.89 -44.22
N VAL A 651 -4.88 6.05 -43.74
CA VAL A 651 -4.67 5.41 -42.48
C VAL A 651 -3.34 4.64 -42.54
N ASP A 652 -3.07 3.99 -43.65
CA ASP A 652 -1.84 3.25 -43.80
C ASP A 652 -0.63 4.15 -43.80
N GLU A 653 -0.80 5.33 -44.35
CA GLU A 653 0.28 6.27 -44.44
C GLU A 653 0.60 6.86 -43.06
N LEU A 654 -0.41 7.02 -42.20
CA LEU A 654 -0.22 7.56 -40.86
C LEU A 654 0.27 6.49 -39.91
N HIS A 655 0.19 5.23 -40.31
CA HIS A 655 0.69 4.16 -39.41
C HIS A 655 2.18 4.29 -38.99
N GLU A 656 2.49 3.89 -37.75
CA GLU A 656 3.87 3.96 -37.31
C GLU A 656 4.32 2.71 -36.63
N PHE A 657 5.61 2.43 -36.78
CA PHE A 657 6.23 1.30 -36.09
C PHE A 657 6.02 1.37 -34.55
N ASN A 658 6.37 2.53 -33.99
CA ASN A 658 6.30 2.84 -32.56
C ASN A 658 5.61 4.21 -32.35
N PRO A 659 4.28 4.21 -32.18
CA PRO A 659 3.41 5.38 -31.97
C PRO A 659 3.84 6.23 -30.79
N MET A 660 4.45 5.56 -29.83
CA MET A 660 4.91 6.17 -28.62
C MET A 660 5.95 7.24 -28.94
N MET A 661 6.77 6.97 -29.96
CA MET A 661 7.84 7.87 -30.37
C MET A 661 7.74 8.32 -31.84
N GLY A 662 6.54 8.60 -32.32
CA GLY A 662 6.35 9.00 -33.70
C GLY A 662 6.04 10.47 -33.93
N HIS A 663 5.26 10.70 -34.98
CA HIS A 663 4.89 12.05 -35.35
C HIS A 663 3.72 12.53 -34.48
N ARG A 664 3.97 13.18 -33.33
CA ARG A 664 2.91 13.62 -32.41
C ARG A 664 3.47 14.75 -31.53
N GLY A 665 2.58 15.32 -30.73
CA GLY A 665 2.88 16.41 -29.85
C GLY A 665 3.31 17.60 -30.65
N CYS A 666 4.39 18.15 -30.17
CA CYS A 666 5.01 19.31 -30.76
C CYS A 666 5.43 19.08 -32.19
N ARG A 667 5.96 17.91 -32.48
CA ARG A 667 6.37 17.54 -33.86
C ARG A 667 5.18 17.58 -34.83
N LEU A 668 4.00 17.29 -34.29
CA LEU A 668 2.78 17.30 -35.11
C LEU A 668 2.39 18.75 -35.23
N ALA A 669 2.74 19.56 -34.22
CA ALA A 669 2.31 20.94 -34.32
C ALA A 669 3.21 21.69 -35.26
N VAL A 670 4.44 21.21 -35.41
CA VAL A 670 5.41 21.85 -36.30
C VAL A 670 4.97 21.65 -37.75
N THR A 671 4.68 20.41 -38.13
CA THR A 671 4.26 20.21 -39.51
C THR A 671 2.90 20.84 -39.70
N TYR A 672 1.99 20.67 -38.74
CA TYR A 672 0.65 21.25 -38.89
C TYR A 672 0.31 22.33 -37.88
N PRO A 673 0.95 23.51 -38.03
CA PRO A 673 0.71 24.65 -37.13
C PRO A 673 -0.74 24.95 -36.91
N GLU A 674 -1.57 24.52 -37.88
CA GLU A 674 -2.98 24.84 -37.83
C GLU A 674 -3.64 24.35 -36.57
N ILE A 675 -3.23 23.16 -36.16
CA ILE A 675 -3.81 22.56 -34.99
C ILE A 675 -3.62 23.41 -33.76
N ALA A 676 -2.41 23.92 -33.56
CA ALA A 676 -2.12 24.73 -32.38
C ALA A 676 -2.80 26.07 -32.58
N LYS A 677 -2.72 26.66 -33.76
CA LYS A 677 -3.42 27.95 -33.87
C LYS A 677 -4.89 27.76 -33.40
N MET A 678 -5.57 26.75 -33.95
CA MET A 678 -6.94 26.47 -33.56
C MET A 678 -7.14 26.23 -32.06
N GLN A 679 -6.33 25.37 -31.47
CA GLN A 679 -6.47 25.16 -30.03
C GLN A 679 -6.25 26.52 -29.31
N THR A 680 -5.40 27.35 -29.85
CA THR A 680 -5.11 28.64 -29.20
C THR A 680 -6.31 29.57 -29.30
N ARG A 681 -6.93 29.59 -30.48
CA ARG A 681 -8.11 30.43 -30.62
C ARG A 681 -9.25 29.90 -29.68
N ALA A 682 -9.34 28.59 -29.48
CA ALA A 682 -10.39 28.09 -28.61
C ALA A 682 -10.08 28.47 -27.16
N VAL A 683 -8.82 28.38 -26.78
CA VAL A 683 -8.48 28.70 -25.42
C VAL A 683 -8.67 30.15 -25.13
N MET A 684 -8.13 31.01 -25.97
CA MET A 684 -8.20 32.42 -25.65
C MET A 684 -9.57 32.99 -25.82
N GLU A 685 -10.33 32.51 -26.80
CA GLU A 685 -11.67 33.05 -26.95
C GLU A 685 -12.49 32.66 -25.74
N ALA A 686 -12.23 31.50 -25.16
CA ALA A 686 -13.01 31.10 -23.99
C ALA A 686 -12.66 31.91 -22.74
N ALA A 687 -11.37 32.16 -22.52
CA ALA A 687 -10.91 32.87 -21.34
C ALA A 687 -11.44 34.31 -21.30
N ILE A 688 -11.07 35.08 -22.31
CA ILE A 688 -11.54 36.46 -22.54
C ILE A 688 -13.07 36.56 -22.21
N GLU A 689 -13.83 35.70 -22.85
CA GLU A 689 -15.23 35.65 -22.68
C GLU A 689 -15.74 35.40 -21.31
N VAL A 690 -15.27 34.31 -20.70
CA VAL A 690 -15.66 33.94 -19.35
C VAL A 690 -15.13 35.10 -18.48
N LYS A 691 -14.09 35.77 -18.94
CA LYS A 691 -13.57 36.85 -18.17
C LYS A 691 -14.46 38.12 -18.36
N GLU A 692 -15.01 38.33 -19.55
CA GLU A 692 -15.84 39.52 -19.70
C GLU A 692 -17.15 39.25 -18.94
N GLU A 693 -17.50 37.96 -18.76
CA GLU A 693 -18.76 37.64 -18.09
C GLU A 693 -18.77 37.58 -16.55
N THR A 694 -17.60 37.38 -15.96
CA THR A 694 -17.47 37.24 -14.52
C THR A 694 -16.57 38.32 -13.93
N GLY A 695 -15.75 38.92 -14.76
CA GLY A 695 -14.82 39.90 -14.21
C GLY A 695 -13.64 39.20 -13.55
N ILE A 696 -13.76 37.90 -13.29
CA ILE A 696 -12.68 37.11 -12.69
C ILE A 696 -11.52 36.91 -13.69
N ASP A 697 -10.35 37.40 -13.31
CA ASP A 697 -9.13 37.33 -14.07
C ASP A 697 -8.73 35.91 -14.49
N ILE A 698 -8.16 35.77 -15.67
CA ILE A 698 -7.72 34.48 -16.08
C ILE A 698 -6.38 34.65 -16.72
N VAL A 699 -5.51 33.68 -16.50
CA VAL A 699 -4.20 33.80 -17.11
C VAL A 699 -3.98 32.43 -17.67
N PRO A 700 -4.39 32.24 -18.93
CA PRO A 700 -4.25 30.92 -19.57
C PRO A 700 -2.80 30.46 -19.59
N GLU A 701 -2.68 29.16 -19.38
CA GLU A 701 -1.40 28.48 -19.40
C GLU A 701 -1.48 27.46 -20.53
N ILE A 702 -0.70 27.73 -21.57
CA ILE A 702 -0.68 26.86 -22.73
C ILE A 702 0.60 26.07 -22.63
N MET A 703 0.45 24.76 -22.68
CA MET A 703 1.61 23.88 -22.57
C MET A 703 1.81 22.96 -23.81
N ILE A 704 3.01 22.97 -24.38
CA ILE A 704 3.32 22.12 -25.57
C ILE A 704 3.98 20.83 -25.04
N PRO A 705 3.42 19.66 -25.48
CA PRO A 705 3.90 18.36 -25.07
C PRO A 705 4.99 17.92 -26.02
N LEU A 706 5.72 16.88 -25.57
CA LEU A 706 6.77 16.17 -26.33
C LEU A 706 7.78 17.01 -27.06
N VAL A 707 8.38 17.88 -26.25
CA VAL A 707 9.40 18.86 -26.65
C VAL A 707 10.82 18.45 -26.25
N GLY A 708 11.73 18.56 -27.20
CA GLY A 708 13.10 18.22 -26.87
C GLY A 708 14.14 19.20 -27.38
N GLU A 709 13.73 20.34 -27.95
CA GLU A 709 14.65 21.31 -28.52
C GLU A 709 14.12 22.71 -28.43
N LYS A 710 14.92 23.68 -27.91
CA LYS A 710 14.47 25.04 -27.79
C LYS A 710 13.74 25.61 -29.05
N LYS A 711 14.44 25.60 -30.16
CA LYS A 711 13.93 26.07 -31.44
C LYS A 711 12.65 25.33 -31.89
N GLU A 712 12.46 24.12 -31.39
CA GLU A 712 11.30 23.34 -31.76
C GLU A 712 10.09 23.91 -31.03
N LEU A 713 10.30 24.26 -29.77
CA LEU A 713 9.26 24.85 -28.94
C LEU A 713 9.05 26.29 -29.49
N LYS A 714 10.12 26.96 -29.89
CA LYS A 714 9.92 28.32 -30.37
C LYS A 714 9.04 28.40 -31.63
N PHE A 715 9.20 27.45 -32.54
CA PHE A 715 8.38 27.43 -33.78
C PHE A 715 6.89 27.40 -33.38
N VAL A 716 6.54 26.52 -32.47
CA VAL A 716 5.18 26.40 -32.02
C VAL A 716 4.74 27.56 -31.17
N LYS A 717 5.60 28.01 -30.25
CA LYS A 717 5.28 29.13 -29.38
C LYS A 717 4.95 30.37 -30.21
N ASP A 718 5.70 30.60 -31.27
CA ASP A 718 5.47 31.73 -32.15
C ASP A 718 4.08 31.62 -32.80
N VAL A 719 3.68 30.41 -33.17
CA VAL A 719 2.36 30.26 -33.84
C VAL A 719 1.29 30.65 -32.85
N VAL A 720 1.30 30.00 -31.71
CA VAL A 720 0.33 30.28 -30.64
C VAL A 720 0.34 31.77 -30.24
N VAL A 721 1.52 32.41 -30.09
CA VAL A 721 1.49 33.79 -29.66
C VAL A 721 0.78 34.68 -30.72
N GLU A 722 1.09 34.45 -31.98
CA GLU A 722 0.46 35.22 -33.02
C GLU A 722 -1.07 35.07 -32.96
N VAL A 723 -1.57 33.88 -32.72
CA VAL A 723 -3.01 33.75 -32.69
C VAL A 723 -3.58 34.35 -31.40
N ALA A 724 -2.86 34.20 -30.29
CA ALA A 724 -3.37 34.73 -29.02
C ALA A 724 -3.40 36.25 -29.09
N GLU A 725 -2.37 36.86 -29.68
CA GLU A 725 -2.36 38.32 -29.81
C GLU A 725 -3.53 38.78 -30.73
N GLN A 726 -3.73 38.02 -31.79
CA GLN A 726 -4.82 38.29 -32.71
C GLN A 726 -6.18 38.19 -31.99
N VAL A 727 -6.43 37.09 -31.30
CA VAL A 727 -7.72 36.97 -30.62
C VAL A 727 -7.86 38.15 -29.65
N LYS A 728 -6.78 38.54 -28.97
CA LYS A 728 -6.87 39.66 -28.03
C LYS A 728 -7.20 40.97 -28.68
N LYS A 729 -6.75 41.15 -29.89
CA LYS A 729 -7.05 42.36 -30.56
C LYS A 729 -8.53 42.32 -31.02
N GLU A 730 -9.03 41.19 -31.50
CA GLU A 730 -10.39 41.13 -31.96
C GLU A 730 -11.39 41.41 -30.84
N LYS A 731 -10.96 41.21 -29.60
CA LYS A 731 -11.86 41.34 -28.45
C LYS A 731 -11.51 42.45 -27.47
N GLY A 732 -10.55 43.27 -27.88
CA GLY A 732 -10.07 44.38 -27.07
C GLY A 732 -9.71 43.90 -25.69
N SER A 733 -8.82 42.89 -25.62
CA SER A 733 -8.41 42.32 -24.34
C SER A 733 -6.93 42.51 -24.02
N ASP A 734 -6.66 42.81 -22.75
CA ASP A 734 -5.35 43.00 -22.18
C ASP A 734 -4.96 41.69 -21.46
N MET A 735 -5.66 40.59 -21.70
CA MET A 735 -5.39 39.35 -20.96
C MET A 735 -4.01 38.78 -21.07
N GLN A 736 -3.46 38.37 -19.96
CA GLN A 736 -2.12 37.82 -19.99
C GLN A 736 -2.21 36.32 -20.14
N TYR A 737 -1.22 35.67 -20.76
CA TYR A 737 -1.22 34.21 -20.88
C TYR A 737 0.23 33.80 -20.85
N HIS A 738 0.51 32.54 -20.49
CA HIS A 738 1.88 32.04 -20.46
C HIS A 738 1.95 30.78 -21.27
N ILE A 739 2.97 30.69 -22.12
CA ILE A 739 3.18 29.52 -22.93
C ILE A 739 4.43 28.81 -22.32
N GLY A 740 4.23 27.62 -21.82
CA GLY A 740 5.31 26.80 -21.30
C GLY A 740 5.36 25.44 -22.00
N THR A 741 6.15 24.57 -21.43
CA THR A 741 6.34 23.29 -22.02
C THR A 741 6.34 22.18 -21.02
N MET A 742 6.20 21.01 -21.58
CA MET A 742 6.26 19.79 -20.84
C MET A 742 7.71 19.45 -20.92
N ILE A 743 8.15 18.71 -19.93
CA ILE A 743 9.49 18.24 -19.91
C ILE A 743 9.29 16.80 -19.78
N GLU A 744 9.42 16.11 -20.89
CA GLU A 744 9.12 14.71 -20.82
C GLU A 744 9.87 13.85 -21.77
N ILE A 745 10.82 14.49 -22.42
CA ILE A 745 11.77 13.92 -23.39
C ILE A 745 13.10 14.25 -22.66
N PRO A 746 13.94 13.25 -22.48
CA PRO A 746 15.20 13.48 -21.79
C PRO A 746 15.96 14.70 -22.31
N ARG A 747 16.02 14.86 -23.63
CA ARG A 747 16.75 16.01 -24.17
C ARG A 747 16.26 17.35 -23.59
N ALA A 748 14.95 17.43 -23.35
CA ALA A 748 14.34 18.63 -22.84
C ALA A 748 14.93 18.94 -21.48
N ALA A 749 15.19 17.93 -20.63
CA ALA A 749 15.81 18.22 -19.30
C ALA A 749 17.28 18.54 -19.40
N LEU A 750 17.98 17.84 -20.29
CA LEU A 750 19.40 18.04 -20.50
C LEU A 750 19.70 19.41 -21.03
N THR A 751 18.77 19.97 -21.80
CA THR A 751 18.97 21.30 -22.37
C THR A 751 17.97 22.27 -21.87
N ALA A 752 17.38 21.96 -20.74
CA ALA A 752 16.38 22.82 -20.14
C ALA A 752 16.64 24.34 -20.08
N ASP A 753 17.91 24.73 -19.92
CA ASP A 753 18.30 26.14 -19.87
C ASP A 753 18.03 26.79 -21.19
N ALA A 754 18.16 26.03 -22.27
CA ALA A 754 17.88 26.58 -23.59
C ALA A 754 16.37 26.58 -23.72
N ILE A 755 15.72 25.47 -23.34
CA ILE A 755 14.27 25.38 -23.42
C ILE A 755 13.65 26.55 -22.61
N ALA A 756 14.18 26.81 -21.42
CA ALA A 756 13.66 27.91 -20.59
C ALA A 756 13.69 29.30 -21.21
N GLU A 757 14.48 29.48 -22.24
CA GLU A 757 14.49 30.75 -22.91
C GLU A 757 13.16 31.02 -23.57
N GLU A 758 12.45 29.97 -23.98
CA GLU A 758 11.13 30.14 -24.65
C GLU A 758 9.95 29.78 -23.74
N ALA A 759 10.10 28.69 -23.01
CA ALA A 759 9.04 28.18 -22.14
C ALA A 759 8.82 29.05 -20.87
N GLU A 760 7.60 29.47 -20.60
CA GLU A 760 7.46 30.27 -19.39
C GLU A 760 7.24 29.42 -18.15
N PHE A 761 7.11 28.11 -18.35
CA PHE A 761 6.94 27.23 -17.22
C PHE A 761 7.14 25.84 -17.76
N PHE A 762 7.49 24.93 -16.88
CA PHE A 762 7.77 23.52 -17.19
C PHE A 762 6.79 22.67 -16.50
N SER A 763 6.23 21.68 -17.20
CA SER A 763 5.47 20.69 -16.47
C SER A 763 6.21 19.35 -16.73
N PHE A 764 6.51 18.63 -15.67
CA PHE A 764 7.17 17.34 -15.82
C PHE A 764 6.15 16.22 -16.16
N GLY A 765 6.16 15.73 -17.38
CA GLY A 765 5.24 14.65 -17.73
C GLY A 765 6.00 13.41 -17.39
N THR A 766 5.86 12.90 -16.17
CA THR A 766 6.73 11.76 -15.85
C THR A 766 6.38 10.38 -16.32
N ASN A 767 5.20 10.22 -16.94
CA ASN A 767 4.93 8.92 -17.47
C ASN A 767 5.94 8.85 -18.63
N ASP A 768 5.92 9.83 -19.54
CA ASP A 768 6.81 9.81 -20.70
C ASP A 768 8.23 9.85 -20.32
N LEU A 769 8.58 10.82 -19.45
CA LEU A 769 9.96 10.92 -19.08
C LEU A 769 10.47 9.54 -18.61
N THR A 770 9.71 8.93 -17.72
CA THR A 770 10.17 7.65 -17.22
C THR A 770 10.24 6.63 -18.37
N GLN A 771 9.31 6.70 -19.31
CA GLN A 771 9.32 5.67 -20.39
C GLN A 771 10.63 5.77 -21.22
N MET A 772 11.03 7.00 -21.49
CA MET A 772 12.17 7.28 -22.32
C MET A 772 13.51 7.21 -21.62
N THR A 773 13.48 7.39 -20.30
CA THR A 773 14.68 7.30 -19.50
C THR A 773 14.98 5.83 -19.34
N PHE A 774 13.95 5.05 -19.08
CA PHE A 774 14.12 3.61 -18.90
C PHE A 774 14.16 2.91 -20.25
N GLY A 775 13.70 3.55 -21.27
CA GLY A 775 13.71 2.90 -22.55
C GLY A 775 12.62 1.86 -22.79
N PHE A 776 11.45 1.99 -22.15
CA PHE A 776 10.38 1.06 -22.46
C PHE A 776 8.98 1.62 -22.29
N SER A 777 8.02 1.05 -23.01
CA SER A 777 6.63 1.53 -22.89
C SER A 777 6.01 0.86 -21.68
N ARG A 778 5.15 1.57 -20.97
CA ARG A 778 4.53 0.91 -19.83
C ARG A 778 3.69 -0.26 -20.34
N ASP A 779 3.03 -0.05 -21.46
CA ASP A 779 2.19 -1.15 -21.89
C ASP A 779 2.81 -2.44 -22.25
N ASP A 780 4.07 -2.41 -22.68
CA ASP A 780 4.74 -3.65 -23.02
C ASP A 780 5.60 -4.14 -21.85
N ALA A 781 5.81 -3.28 -20.85
CA ALA A 781 6.68 -3.61 -19.73
C ALA A 781 6.16 -4.71 -18.85
N GLY A 782 4.87 -5.02 -18.97
CA GLY A 782 4.32 -6.08 -18.15
C GLY A 782 4.95 -7.46 -18.39
N LYS A 783 5.42 -7.76 -19.59
CA LYS A 783 5.98 -9.09 -19.76
C LYS A 783 7.36 -9.32 -19.12
N PHE A 784 7.82 -8.40 -18.28
CA PHE A 784 9.12 -8.60 -17.67
C PHE A 784 9.30 -7.87 -16.37
N LEU A 785 8.42 -6.93 -16.10
CA LEU A 785 8.52 -6.13 -14.91
C LEU A 785 8.43 -7.02 -13.68
N ASP A 786 7.59 -8.01 -13.84
CA ASP A 786 7.31 -8.92 -12.77
C ASP A 786 8.48 -9.82 -12.48
N SER A 787 9.19 -10.24 -13.52
CA SER A 787 10.36 -11.08 -13.35
C SER A 787 11.40 -10.18 -12.68
N TYR A 788 11.33 -8.91 -12.98
CA TYR A 788 12.19 -7.95 -12.38
C TYR A 788 11.84 -7.82 -10.90
N TYR A 789 10.54 -7.80 -10.57
CA TYR A 789 10.18 -7.68 -9.17
C TYR A 789 10.66 -8.91 -8.44
N LYS A 790 10.22 -10.07 -8.93
CA LYS A 790 10.53 -11.37 -8.33
C LYS A 790 12.04 -11.56 -8.06
N ALA A 791 12.86 -11.08 -9.00
CA ALA A 791 14.31 -11.22 -8.93
C ALA A 791 14.99 -10.09 -8.16
N LYS A 792 14.19 -9.18 -7.62
CA LYS A 792 14.68 -8.00 -6.93
C LYS A 792 15.38 -6.94 -7.81
N ILE A 793 15.42 -7.13 -9.14
CA ILE A 793 16.09 -6.12 -9.97
C ILE A 793 15.48 -4.73 -9.71
N TYR A 794 14.16 -4.64 -9.57
CA TYR A 794 13.49 -3.40 -9.20
C TYR A 794 12.75 -3.67 -7.90
N GLU A 795 12.68 -2.69 -7.00
CA GLU A 795 11.93 -2.88 -5.74
C GLU A 795 10.70 -2.00 -5.74
N SER A 796 10.56 -1.21 -6.80
CA SER A 796 9.43 -0.30 -6.96
C SER A 796 9.10 -0.24 -8.40
N ASP A 797 7.82 -0.08 -8.67
CA ASP A 797 7.33 0.02 -10.02
C ASP A 797 7.64 1.49 -10.42
N PRO A 798 8.48 1.71 -11.49
CA PRO A 798 8.83 3.05 -11.94
C PRO A 798 7.68 3.94 -12.47
N PHE A 799 6.56 3.32 -12.88
CA PHE A 799 5.43 4.08 -13.36
C PHE A 799 4.58 4.59 -12.22
N ALA A 800 4.63 3.92 -11.09
CA ALA A 800 3.85 4.35 -9.95
C ALA A 800 4.71 5.22 -8.97
N ARG A 801 5.97 4.85 -8.74
CA ARG A 801 6.89 5.58 -7.82
C ARG A 801 8.09 6.21 -8.57
N LEU A 802 8.22 7.53 -8.48
CA LEU A 802 9.31 8.20 -9.15
C LEU A 802 10.66 7.56 -8.90
N ASP A 803 11.40 7.28 -9.98
CA ASP A 803 12.74 6.68 -9.91
C ASP A 803 13.71 7.84 -9.53
N GLN A 804 13.87 8.10 -8.27
CA GLN A 804 14.79 9.22 -7.90
C GLN A 804 16.19 9.14 -8.47
N THR A 805 16.87 8.03 -8.32
CA THR A 805 18.24 7.83 -8.83
C THR A 805 18.46 8.14 -10.30
N GLY A 806 17.54 7.69 -11.17
CA GLY A 806 17.70 7.98 -12.56
C GLY A 806 16.85 9.10 -13.12
N VAL A 807 15.55 8.81 -13.32
CA VAL A 807 14.63 9.79 -13.82
C VAL A 807 14.67 11.06 -12.92
N GLY A 808 14.81 10.84 -11.63
CA GLY A 808 14.90 11.98 -10.70
C GLY A 808 16.06 12.91 -11.07
N GLN A 809 17.18 12.37 -11.55
CA GLN A 809 18.30 13.22 -11.97
C GLN A 809 17.89 14.21 -13.07
N LEU A 810 17.05 13.78 -13.98
CA LEU A 810 16.63 14.61 -15.11
C LEU A 810 15.62 15.66 -14.68
N VAL A 811 14.81 15.33 -13.68
CA VAL A 811 13.88 16.29 -13.19
C VAL A 811 14.76 17.41 -12.39
N GLU A 812 15.61 16.98 -11.49
CA GLU A 812 16.45 17.97 -10.70
C GLU A 812 17.14 18.87 -11.66
N MET A 813 17.99 18.29 -12.51
CA MET A 813 18.65 19.02 -13.57
C MET A 813 17.78 19.95 -14.40
N ALA A 814 16.58 19.52 -14.83
CA ALA A 814 15.75 20.41 -15.62
C ALA A 814 15.40 21.66 -14.87
N VAL A 815 14.95 21.51 -13.65
CA VAL A 815 14.61 22.66 -12.86
C VAL A 815 15.81 23.63 -12.68
N LYS A 816 16.97 23.06 -12.40
CA LYS A 816 18.20 23.83 -12.15
C LYS A 816 18.67 24.55 -13.40
N LYS A 817 18.75 23.84 -14.51
CA LYS A 817 19.20 24.52 -15.66
C LYS A 817 18.14 25.54 -16.13
N GLY A 818 16.87 25.14 -16.04
CA GLY A 818 15.79 26.01 -16.45
C GLY A 818 15.83 27.35 -15.70
N ARG A 819 16.05 27.27 -14.39
CA ARG A 819 16.17 28.51 -13.62
C ARG A 819 17.48 29.28 -13.80
N GLN A 820 18.41 28.78 -14.61
CA GLN A 820 19.64 29.53 -14.84
C GLN A 820 19.30 30.56 -15.92
N THR A 821 18.34 30.23 -16.78
CA THR A 821 17.97 31.16 -17.81
C THR A 821 16.67 31.89 -17.42
N ARG A 822 15.92 31.34 -16.46
CA ARG A 822 14.69 32.00 -16.06
C ARG A 822 14.47 31.70 -14.62
N PRO A 823 15.15 32.47 -13.73
CA PRO A 823 15.02 32.28 -12.29
C PRO A 823 13.63 32.06 -11.73
N GLY A 824 12.63 32.77 -12.18
CA GLY A 824 11.33 32.52 -11.60
C GLY A 824 10.57 31.41 -12.33
N LEU A 825 11.25 30.56 -13.07
CA LEU A 825 10.56 29.51 -13.81
C LEU A 825 9.68 28.67 -12.88
N LYS A 826 8.36 28.63 -13.13
CA LYS A 826 7.44 27.84 -12.34
C LYS A 826 7.49 26.38 -12.79
N CYS A 827 7.67 25.43 -11.88
CA CYS A 827 7.75 24.02 -12.28
C CYS A 827 6.72 23.11 -11.59
N GLY A 828 5.97 22.34 -12.38
CA GLY A 828 5.05 21.38 -11.80
C GLY A 828 5.31 19.93 -12.28
N ILE A 829 4.47 18.97 -11.91
CA ILE A 829 4.67 17.56 -12.32
C ILE A 829 3.25 17.01 -12.52
N CYS A 830 2.98 16.26 -13.57
CA CYS A 830 1.60 15.78 -13.78
C CYS A 830 1.53 14.34 -14.28
N GLY A 831 2.66 13.66 -14.36
CA GLY A 831 2.68 12.26 -14.70
C GLY A 831 2.04 11.61 -13.46
N GLU A 832 1.95 10.29 -13.41
CA GLU A 832 1.32 9.61 -12.29
C GLU A 832 2.01 9.85 -10.97
N HIS A 833 3.30 10.00 -11.05
CA HIS A 833 4.07 10.24 -9.83
C HIS A 833 3.62 11.37 -8.93
N GLY A 834 3.04 12.43 -9.50
CA GLY A 834 2.55 13.57 -8.75
C GLY A 834 1.66 13.27 -7.57
N GLY A 835 1.18 12.05 -7.44
CA GLY A 835 0.32 11.78 -6.31
C GLY A 835 0.93 10.75 -5.40
N ASP A 836 2.21 10.44 -5.61
CA ASP A 836 2.85 9.40 -4.79
C ASP A 836 3.72 10.16 -3.77
N PRO A 837 3.48 9.93 -2.47
CA PRO A 837 4.23 10.62 -1.42
C PRO A 837 5.71 10.76 -1.64
N SER A 838 6.44 9.67 -1.79
CA SER A 838 7.91 9.79 -1.97
C SER A 838 8.25 10.59 -3.18
N SER A 839 7.44 10.41 -4.22
CA SER A 839 7.62 11.15 -5.46
C SER A 839 7.33 12.62 -5.16
N VAL A 840 6.30 12.91 -4.36
CA VAL A 840 5.99 14.28 -4.08
C VAL A 840 7.07 14.91 -3.16
N GLU A 841 7.76 14.10 -2.36
CA GLU A 841 8.84 14.59 -1.49
C GLU A 841 10.08 14.97 -2.32
N PHE A 842 10.45 14.10 -3.26
CA PHE A 842 11.57 14.41 -4.11
C PHE A 842 11.25 15.75 -4.82
N CYS A 843 10.04 15.88 -5.38
CA CYS A 843 9.68 17.15 -6.08
C CYS A 843 9.86 18.38 -5.18
N HIS A 844 9.33 18.30 -3.98
CA HIS A 844 9.48 19.36 -3.02
C HIS A 844 10.97 19.65 -2.88
N LYS A 845 11.75 18.63 -2.55
CA LYS A 845 13.19 18.82 -2.41
C LYS A 845 13.98 19.42 -3.59
N VAL A 846 13.58 19.12 -4.84
CA VAL A 846 14.34 19.69 -5.99
C VAL A 846 13.76 20.98 -6.47
N GLY A 847 12.82 21.48 -5.72
CA GLY A 847 12.31 22.77 -6.09
C GLY A 847 11.10 22.96 -6.92
N LEU A 848 10.35 21.91 -7.22
CA LEU A 848 9.14 22.16 -7.99
C LEU A 848 8.28 23.20 -7.24
N ASN A 849 7.40 23.85 -7.99
CA ASN A 849 6.48 24.77 -7.40
C ASN A 849 5.25 24.10 -6.97
N TYR A 850 4.90 23.02 -7.69
CA TYR A 850 3.69 22.35 -7.34
C TYR A 850 3.62 20.96 -7.93
N VAL A 851 2.78 20.12 -7.39
CA VAL A 851 2.61 18.79 -7.95
C VAL A 851 1.17 18.76 -8.38
N SER A 852 0.82 17.84 -9.27
CA SER A 852 -0.54 17.79 -9.72
C SER A 852 -1.02 16.33 -9.89
N CYS A 853 -2.13 15.98 -9.30
CA CYS A 853 -2.56 14.58 -9.41
C CYS A 853 -4.07 14.51 -9.63
N SER A 854 -4.60 13.32 -9.86
CA SER A 854 -6.04 13.12 -10.06
C SER A 854 -6.83 13.66 -8.85
N PRO A 855 -8.07 14.13 -9.05
CA PRO A 855 -8.91 14.68 -7.97
C PRO A 855 -8.75 13.91 -6.65
N PHE A 856 -9.20 12.67 -6.66
CA PHE A 856 -9.13 11.85 -5.46
C PHE A 856 -7.77 11.67 -4.78
N ARG A 857 -6.67 12.02 -5.44
CA ARG A 857 -5.38 11.86 -4.82
C ARG A 857 -4.81 13.10 -4.19
N VAL A 858 -5.46 14.22 -4.45
CA VAL A 858 -5.09 15.53 -3.93
C VAL A 858 -4.77 15.54 -2.44
N PRO A 859 -5.65 14.94 -1.64
CA PRO A 859 -5.33 14.95 -0.19
C PRO A 859 -3.98 14.28 0.08
N ILE A 860 -3.71 13.23 -0.69
CA ILE A 860 -2.45 12.53 -0.51
C ILE A 860 -1.29 13.45 -0.78
N ALA A 861 -1.39 14.27 -1.81
CA ALA A 861 -0.28 15.15 -2.12
C ALA A 861 -0.19 16.32 -1.18
N ARG A 862 -1.35 16.76 -0.68
CA ARG A 862 -1.36 17.88 0.23
C ARG A 862 -0.62 17.42 1.47
N LEU A 863 -1.02 16.24 1.94
CA LEU A 863 -0.40 15.65 3.12
C LEU A 863 1.05 15.34 2.76
N ALA A 864 1.26 14.66 1.62
CA ALA A 864 2.64 14.36 1.26
C ALA A 864 3.50 15.64 1.22
N ALA A 865 2.95 16.69 0.63
CA ALA A 865 3.63 17.95 0.46
C ALA A 865 4.09 18.60 1.81
N ALA A 866 3.17 18.60 2.80
CA ALA A 866 3.40 19.10 4.16
C ALA A 866 4.47 18.22 4.78
N GLN A 867 4.30 16.91 4.76
CA GLN A 867 5.41 16.12 5.33
C GLN A 867 6.74 16.45 4.66
N ALA A 868 6.73 16.60 3.32
CA ALA A 868 7.99 16.91 2.71
C ALA A 868 8.60 18.19 3.30
N ALA A 869 7.78 19.20 3.52
CA ALA A 869 8.31 20.45 4.08
C ALA A 869 8.82 20.21 5.48
N LEU A 870 7.98 19.61 6.31
CA LEU A 870 8.36 19.33 7.70
C LEU A 870 9.61 18.45 7.79
N ASN A 871 9.61 17.37 7.04
CA ASN A 871 10.73 16.47 7.11
C ASN A 871 12.01 16.93 6.45
N ASN A 872 11.96 18.03 5.70
CA ASN A 872 13.14 18.54 5.01
C ASN A 872 13.43 20.00 5.38
MG MG B . 3.15 12.74 -21.83
S SO4 C . 4.16 -10.00 13.12
O1 SO4 C . 2.80 -9.52 13.28
O2 SO4 C . 4.42 -10.42 11.77
O3 SO4 C . 5.06 -8.90 13.50
O4 SO4 C . 4.47 -11.15 13.95
S SO4 D . -7.88 22.98 14.95
O1 SO4 D . -7.23 23.74 13.95
O2 SO4 D . -8.56 23.84 15.69
O3 SO4 D . -8.80 22.21 14.08
O4 SO4 D . -6.96 22.41 15.70
S SO4 E . 9.27 35.30 -23.02
O1 SO4 E . 10.21 34.19 -23.36
O2 SO4 E . 9.04 35.36 -21.56
O3 SO4 E . 9.86 36.58 -23.45
O4 SO4 E . 7.97 35.08 -23.71
S SO4 F . 1.61 4.69 -27.44
O1 SO4 F . 1.24 5.82 -28.35
O2 SO4 F . 2.01 3.46 -28.17
O3 SO4 F . 2.73 5.11 -26.56
O4 SO4 F . 0.42 4.35 -26.60
C1 PPR G . 3.29 12.43 -18.72
O1 PPR G . 3.42 11.93 -17.52
O2' PPR G . 4.18 12.37 -19.54
C2 PPR G . 1.94 13.08 -19.00
C3 PPR G . 0.83 13.18 -18.22
O2 PPR G . 1.85 13.60 -20.20
P PPR G . -0.37 11.82 -18.96
O1P PPR G . -1.30 11.37 -17.79
O2P PPR G . 0.52 10.77 -19.42
O3P PPR G . -1.20 12.46 -20.00
#